data_4HW8
#
_entry.id   4HW8
#
_cell.length_a   102.363
_cell.length_b   102.363
_cell.length_c   190.308
_cell.angle_alpha   90.00
_cell.angle_beta   90.00
_cell.angle_gamma   120.00
#
_symmetry.space_group_name_H-M   'P 65'
#
loop_
_entity.id
_entity.type
_entity.pdbx_description
1 polymer 'Bacterial extracellular solute-binding protein, putative'
2 branched alpha-D-glucopyranose-(1-4)-alpha-D-glucopyranose
3 non-polymer 'CHLORIDE ION'
4 non-polymer 'POTASSIUM ION'
5 non-polymer 'SULFATE ION'
6 water water
#
_entity_poly.entity_id   1
_entity_poly.type   'polypeptide(L)'
_entity_poly.pdbx_seq_one_letter_code
;MGSSHHHHHHENLYFQGCGPNRSKEDIDKALNKDNSKDKPNQLTMWVDGDKQMAFYKKITDQYTKKTGIKVKLVNIGQND
QLENISLDAPAGKGPDIFFLAHDNTGSAYLQGLAAEIKLSKDELKGFNKQALKAMNYDNKQLALPAIVETTALFYNKKLV
KNAPQTLEEVEANAAKLTDSKKKQYGMLFDAKNFYFNYPFLFGNDDYIFKKNGSEYDIHQLGLNSKHVVKNAERLQKWYD
KGYLPKAATHDVMIGLFKEGKVGQFVTGPWNINEYQETFGKDLGVTTLPTDGGKPMKPFLGVRGWYLSEYSKHKYWAKDL
MLYITSKDTLQKYTDEMSEITGRVDVKSSNPNLKVFEKQARHAEPMPNIPEMRQVWEPMGNASIFISNGKNPKQALDEAT
NDITQNIKILHPSQNDKKGD
;
_entity_poly.pdbx_strand_id   A,B
#
loop_
_chem_comp.id
_chem_comp.type
_chem_comp.name
_chem_comp.formula
CL non-polymer 'CHLORIDE ION' 'Cl -1'
GLC D-saccharide, alpha linking alpha-D-glucopyranose 'C6 H12 O6'
K non-polymer 'POTASSIUM ION' 'K 1'
SO4 non-polymer 'SULFATE ION' 'O4 S -2'
#
# COMPACT_ATOMS: atom_id res chain seq x y z
N LYS A 37 23.68 17.86 -28.11
CA LYS A 37 24.92 17.01 -28.13
C LYS A 37 26.18 17.67 -27.52
N ASP A 38 26.00 18.78 -26.80
CA ASP A 38 27.10 19.41 -26.05
C ASP A 38 26.70 19.30 -24.56
N LYS A 39 27.57 18.67 -23.78
CA LYS A 39 27.30 18.30 -22.39
C LYS A 39 26.89 19.38 -21.40
N PRO A 40 26.07 18.99 -20.40
CA PRO A 40 25.67 19.86 -19.30
C PRO A 40 26.59 19.61 -18.12
N ASN A 41 26.64 20.53 -17.16
CA ASN A 41 27.48 20.34 -15.99
C ASN A 41 26.98 19.24 -15.07
N GLN A 42 25.66 19.16 -14.91
CA GLN A 42 25.08 18.17 -13.98
C GLN A 42 23.78 17.56 -14.47
N LEU A 43 23.55 16.30 -14.09
CA LEU A 43 22.32 15.59 -14.39
C LEU A 43 21.72 15.15 -13.07
N THR A 44 20.40 15.25 -12.94
CA THR A 44 19.77 14.84 -11.69
C THR A 44 18.88 13.66 -11.92
N MET A 45 18.92 12.71 -10.98
CA MET A 45 18.04 11.55 -11.05
C MET A 45 17.41 11.28 -9.70
N TRP A 46 16.12 10.96 -9.75
CA TRP A 46 15.32 10.60 -8.59
C TRP A 46 15.28 9.07 -8.49
N VAL A 47 15.80 8.57 -7.37
CA VAL A 47 15.96 7.15 -7.11
C VAL A 47 14.97 6.66 -6.05
N ASP A 48 14.47 5.44 -6.24
CA ASP A 48 13.52 4.84 -5.30
C ASP A 48 14.18 4.12 -4.13
N GLY A 49 14.50 4.88 -3.08
CA GLY A 49 15.06 4.29 -1.84
C GLY A 49 16.54 4.43 -1.62
N ASP A 50 16.94 4.45 -0.34
N ASP A 50 16.98 4.29 -0.37
CA ASP A 50 18.34 4.64 0.06
CA ASP A 50 18.40 4.39 -0.05
C ASP A 50 19.24 3.57 -0.53
C ASP A 50 19.19 3.19 -0.60
N LYS A 51 18.75 2.32 -0.48
N LYS A 51 18.67 1.97 -0.46
CA LYS A 51 19.48 1.15 -0.96
CA LYS A 51 19.39 0.83 -1.00
C LYS A 51 19.81 1.27 -2.46
C LYS A 51 19.73 1.05 -2.49
N GLN A 52 18.81 1.62 -3.26
CA GLN A 52 19.03 1.81 -4.68
C GLN A 52 19.95 3.00 -4.92
N MET A 53 19.84 4.03 -4.09
CA MET A 53 20.64 5.23 -4.29
C MET A 53 22.12 4.94 -4.05
N ALA A 54 22.40 4.10 -3.06
CA ALA A 54 23.77 3.69 -2.77
C ALA A 54 24.31 2.93 -3.97
N PHE A 55 23.48 2.09 -4.56
CA PHE A 55 23.90 1.36 -5.74
C PHE A 55 24.16 2.31 -6.93
N TYR A 56 23.25 3.23 -7.21
CA TYR A 56 23.44 4.14 -8.35
C TYR A 56 24.53 5.22 -8.16
N LYS A 57 24.86 5.61 -6.94
CA LYS A 57 25.98 6.56 -6.79
C LYS A 57 27.25 5.94 -7.37
N LYS A 58 27.49 4.67 -7.03
CA LYS A 58 28.67 3.94 -7.52
C LYS A 58 28.70 3.86 -9.05
N ILE A 59 27.57 3.55 -9.66
CA ILE A 59 27.47 3.47 -11.12
C ILE A 59 27.71 4.85 -11.73
N THR A 60 26.98 5.84 -11.20
CA THR A 60 27.08 7.23 -11.66
C THR A 60 28.45 7.86 -11.35
N ASP A 61 29.15 7.38 -10.33
CA ASP A 61 30.51 7.85 -10.08
C ASP A 61 31.36 7.45 -11.28
N GLN A 62 31.10 6.26 -11.84
CA GLN A 62 31.84 5.81 -13.03
C GLN A 62 31.38 6.57 -14.26
N TYR A 63 30.08 6.85 -14.35
CA TYR A 63 29.54 7.63 -15.47
C TYR A 63 30.26 8.98 -15.59
N THR A 64 30.44 9.65 -14.44
CA THR A 64 31.09 10.94 -14.40
C THR A 64 32.57 10.84 -14.85
N LYS A 65 33.18 9.69 -14.66
CA LYS A 65 34.57 9.52 -15.10
C LYS A 65 34.64 9.36 -16.63
N LYS A 66 33.62 8.71 -17.20
CA LYS A 66 33.53 8.49 -18.65
C LYS A 66 33.16 9.76 -19.42
N THR A 67 32.10 10.41 -18.97
CA THR A 67 31.54 11.57 -19.66
C THR A 67 32.03 12.92 -19.15
N GLY A 68 32.19 13.02 -17.83
CA GLY A 68 32.59 14.27 -17.18
C GLY A 68 31.39 14.98 -16.57
N ILE A 69 30.21 14.41 -16.78
CA ILE A 69 28.96 14.98 -16.29
C ILE A 69 28.66 14.53 -14.86
N LYS A 70 28.50 15.50 -13.95
CA LYS A 70 28.19 15.19 -12.54
C LYS A 70 26.78 14.66 -12.45
N VAL A 71 26.54 13.77 -11.49
CA VAL A 71 25.19 13.28 -11.28
C VAL A 71 24.76 13.50 -9.84
N LYS A 72 23.61 14.15 -9.67
CA LYS A 72 23.01 14.35 -8.36
C LYS A 72 21.91 13.31 -8.18
N LEU A 73 21.93 12.60 -7.07
CA LEU A 73 20.94 11.59 -6.78
C LEU A 73 20.11 12.09 -5.61
N VAL A 74 18.79 11.90 -5.69
CA VAL A 74 17.89 12.29 -4.60
C VAL A 74 16.97 11.10 -4.31
N ASN A 75 16.79 10.78 -3.04
CA ASN A 75 15.96 9.65 -2.65
C ASN A 75 14.51 10.06 -2.44
N ILE A 76 13.71 9.77 -3.46
CA ILE A 76 12.29 9.99 -3.38
C ILE A 76 11.66 8.66 -3.79
N GLY A 77 10.83 8.12 -2.89
CA GLY A 77 10.17 6.86 -3.15
C GLY A 77 9.36 6.94 -4.42
N GLN A 78 9.28 5.84 -5.17
CA GLN A 78 8.55 5.82 -6.45
C GLN A 78 7.06 6.13 -6.35
N ASN A 79 6.46 5.91 -5.18
CA ASN A 79 5.03 6.19 -4.96
C ASN A 79 4.76 7.67 -4.76
N ASP A 80 5.83 8.44 -4.54
CA ASP A 80 5.75 9.87 -4.31
C ASP A 80 6.36 10.70 -5.44
N GLN A 81 7.02 10.05 -6.40
CA GLN A 81 7.70 10.81 -7.45
C GLN A 81 6.79 11.60 -8.40
N LEU A 82 5.68 11.01 -8.85
CA LEU A 82 4.76 11.74 -9.76
C LEU A 82 4.24 13.01 -9.15
N GLU A 83 3.77 12.91 -7.92
CA GLU A 83 3.27 14.09 -7.25
C GLU A 83 4.41 15.09 -7.08
N ASN A 84 5.55 14.65 -6.57
CA ASN A 84 6.64 15.59 -6.36
C ASN A 84 7.09 16.27 -7.68
N ILE A 85 7.22 15.49 -8.76
CA ILE A 85 7.67 16.03 -10.05
C ILE A 85 6.62 16.97 -10.64
N SER A 86 5.37 16.61 -10.43
CA SER A 86 4.27 17.43 -10.88
C SER A 86 4.41 18.87 -10.40
N LEU A 87 4.91 19.03 -9.17
CA LEU A 87 5.08 20.34 -8.55
C LEU A 87 6.47 20.96 -8.75
N ASP A 88 7.52 20.16 -8.67
CA ASP A 88 8.89 20.67 -8.80
C ASP A 88 9.39 20.92 -10.22
N ALA A 89 8.98 20.08 -11.18
CA ALA A 89 9.47 20.20 -12.56
C ALA A 89 9.24 21.58 -13.18
N PRO A 90 7.99 22.11 -13.10
CA PRO A 90 7.69 23.43 -13.66
C PRO A 90 8.48 24.56 -13.05
N ALA A 91 8.98 24.37 -11.82
CA ALA A 91 9.75 25.40 -11.12
C ALA A 91 11.25 25.21 -11.36
N GLY A 92 11.61 24.45 -12.38
CA GLY A 92 13.01 24.21 -12.71
C GLY A 92 13.81 23.41 -11.68
N LYS A 93 13.13 22.77 -10.74
CA LYS A 93 13.83 22.01 -9.68
C LYS A 93 13.55 20.51 -9.73
N GLY A 94 13.00 20.04 -10.84
CA GLY A 94 12.74 18.62 -11.01
C GLY A 94 14.01 17.94 -11.51
N PRO A 95 13.94 16.63 -11.72
CA PRO A 95 15.10 15.89 -12.18
C PRO A 95 15.13 15.77 -13.68
N ASP A 96 16.23 15.22 -14.20
CA ASP A 96 16.34 14.92 -15.62
C ASP A 96 15.65 13.57 -15.86
N ILE A 97 15.92 12.61 -15.00
CA ILE A 97 15.29 11.29 -15.11
C ILE A 97 14.68 10.92 -13.76
N PHE A 98 13.56 10.20 -13.80
CA PHE A 98 12.86 9.81 -12.58
C PHE A 98 12.40 8.34 -12.67
N PHE A 99 11.96 7.78 -11.54
CA PHE A 99 11.65 6.35 -11.42
C PHE A 99 10.21 6.09 -10.99
N LEU A 100 9.47 5.36 -11.82
CA LEU A 100 8.08 5.02 -11.51
C LEU A 100 7.72 3.55 -11.78
N ALA A 101 6.60 3.10 -11.21
CA ALA A 101 6.03 1.78 -11.58
C ALA A 101 5.34 2.06 -12.92
N HIS A 102 5.37 1.09 -13.82
CA HIS A 102 4.85 1.28 -15.18
C HIS A 102 3.37 1.56 -15.22
N ASP A 103 2.67 1.22 -14.15
N ASP A 103 2.64 1.22 -14.17
CA ASP A 103 1.22 1.45 -14.06
CA ASP A 103 1.20 1.47 -14.11
C ASP A 103 0.89 2.95 -14.20
C ASP A 103 0.87 2.96 -14.20
N ASN A 104 1.85 3.82 -13.88
CA ASN A 104 1.69 5.29 -13.96
C ASN A 104 2.12 5.90 -15.26
N THR A 105 2.41 5.06 -16.26
CA THR A 105 2.91 5.56 -17.55
C THR A 105 1.92 6.53 -18.23
N GLY A 106 0.69 6.09 -18.41
CA GLY A 106 -0.33 6.90 -19.04
C GLY A 106 -0.52 8.22 -18.32
N SER A 107 -0.64 8.17 -16.99
N SER A 107 -0.63 8.15 -16.99
CA SER A 107 -0.85 9.38 -16.23
CA SER A 107 -0.83 9.32 -16.16
C SER A 107 0.32 10.33 -16.37
C SER A 107 0.31 10.30 -16.36
N ALA A 108 1.53 9.81 -16.22
CA ALA A 108 2.73 10.62 -16.32
C ALA A 108 2.78 11.33 -17.65
N TYR A 109 2.36 10.64 -18.71
CA TYR A 109 2.36 11.22 -20.03
C TYR A 109 1.21 12.21 -20.22
N LEU A 110 0.01 11.86 -19.73
CA LEU A 110 -1.15 12.76 -19.92
C LEU A 110 -0.94 14.09 -19.19
N GLN A 111 -0.19 14.09 -18.09
CA GLN A 111 0.06 15.34 -17.34
C GLN A 111 1.22 16.15 -17.94
N GLY A 112 1.84 15.64 -19.00
CA GLY A 112 2.92 16.38 -19.61
C GLY A 112 4.18 16.39 -18.79
N LEU A 113 4.40 15.31 -18.04
CA LEU A 113 5.58 15.16 -17.19
C LEU A 113 6.62 14.20 -17.80
N ALA A 114 6.14 13.11 -18.38
CA ALA A 114 7.04 12.12 -18.99
C ALA A 114 7.19 12.40 -20.50
N ALA A 115 8.43 12.53 -20.95
CA ALA A 115 8.72 12.81 -22.37
C ALA A 115 9.03 11.51 -23.15
N GLU A 116 8.65 11.50 -24.42
CA GLU A 116 8.92 10.36 -25.30
C GLU A 116 10.41 10.17 -25.42
N ILE A 117 10.84 8.91 -25.46
CA ILE A 117 12.26 8.58 -25.60
C ILE A 117 12.49 7.91 -26.95
N LYS A 118 13.29 8.54 -27.81
CA LYS A 118 13.61 7.99 -29.13
C LYS A 118 14.77 7.01 -28.99
N LEU A 119 14.55 5.76 -29.41
CA LEU A 119 15.55 4.72 -29.23
C LEU A 119 15.92 3.97 -30.49
N SER A 120 17.21 3.76 -30.68
CA SER A 120 17.72 2.97 -31.79
C SER A 120 17.31 1.51 -31.65
N LYS A 121 17.48 0.76 -32.71
CA LYS A 121 17.22 -0.66 -32.67
C LYS A 121 18.32 -1.30 -31.79
N ASP A 122 19.54 -0.78 -31.89
N ASP A 122 19.56 -0.83 -31.91
CA ASP A 122 20.67 -1.32 -31.12
CA ASP A 122 20.65 -1.36 -31.10
C ASP A 122 20.56 -0.90 -29.65
C ASP A 122 20.56 -0.91 -29.64
N GLU A 123 19.93 0.25 -29.40
CA GLU A 123 19.73 0.75 -28.03
C GLU A 123 18.65 -0.06 -27.33
N LEU A 124 17.71 -0.61 -28.11
CA LEU A 124 16.65 -1.45 -27.59
C LEU A 124 17.10 -2.90 -27.41
N LYS A 125 18.24 -3.25 -28.02
CA LYS A 125 18.74 -4.64 -27.97
C LYS A 125 18.98 -5.09 -26.52
N GLY A 126 18.47 -6.26 -26.17
CA GLY A 126 18.64 -6.80 -24.83
C GLY A 126 17.53 -6.51 -23.82
N PHE A 127 16.64 -5.58 -24.16
CA PHE A 127 15.52 -5.25 -23.29
C PHE A 127 14.39 -6.23 -23.48
N ASN A 128 13.80 -6.63 -22.35
CA ASN A 128 12.62 -7.48 -22.29
C ASN A 128 11.54 -6.74 -23.11
N LYS A 129 11.02 -7.42 -24.12
N LYS A 129 11.02 -7.42 -24.13
CA LYS A 129 10.04 -6.87 -25.06
CA LYS A 129 10.06 -6.83 -25.05
C LYS A 129 8.71 -6.40 -24.45
C LYS A 129 8.72 -6.39 -24.43
N GLN A 130 8.17 -7.19 -23.52
CA GLN A 130 6.91 -6.85 -22.87
C GLN A 130 7.16 -5.76 -21.86
N ALA A 131 8.37 -5.74 -21.28
CA ALA A 131 8.71 -4.70 -20.33
C ALA A 131 8.72 -3.35 -21.06
N LEU A 132 9.22 -3.32 -22.30
CA LEU A 132 9.21 -2.08 -23.05
C LEU A 132 7.78 -1.66 -23.34
N LYS A 133 6.94 -2.62 -23.74
CA LYS A 133 5.53 -2.36 -24.02
C LYS A 133 4.78 -1.80 -22.80
N ALA A 134 5.06 -2.35 -21.62
CA ALA A 134 4.47 -1.87 -20.39
C ALA A 134 4.74 -0.35 -20.20
N MET A 135 5.84 0.13 -20.79
CA MET A 135 6.23 1.52 -20.69
C MET A 135 6.02 2.30 -21.97
N ASN A 136 5.06 1.83 -22.77
CA ASN A 136 4.76 2.43 -24.04
C ASN A 136 3.28 2.82 -24.02
N TYR A 137 2.99 4.10 -24.30
CA TYR A 137 1.63 4.64 -24.25
C TYR A 137 1.44 5.60 -25.41
N ASP A 138 0.27 5.52 -26.05
CA ASP A 138 -0.07 6.39 -27.17
C ASP A 138 0.98 6.23 -28.27
N ASN A 139 1.45 4.99 -28.40
CA ASN A 139 2.45 4.62 -29.38
C ASN A 139 3.80 5.32 -29.20
N LYS A 140 4.13 5.67 -27.95
CA LYS A 140 5.38 6.35 -27.60
C LYS A 140 6.12 5.62 -26.49
N GLN A 141 7.44 5.45 -26.64
CA GLN A 141 8.21 4.76 -25.59
C GLN A 141 8.50 5.82 -24.55
N LEU A 142 8.07 5.57 -23.32
CA LEU A 142 8.17 6.57 -22.27
C LEU A 142 9.13 6.23 -21.13
N ALA A 143 9.64 5.00 -21.11
CA ALA A 143 10.60 4.61 -20.07
C ALA A 143 11.32 3.37 -20.48
N LEU A 144 12.44 3.14 -19.80
CA LEU A 144 13.24 1.96 -19.96
C LEU A 144 13.11 1.17 -18.66
N PRO A 145 12.83 -0.13 -18.77
CA PRO A 145 12.60 -0.99 -17.62
C PRO A 145 13.88 -1.35 -16.88
N ALA A 146 13.88 -1.14 -15.59
CA ALA A 146 15.05 -1.47 -14.76
C ALA A 146 14.79 -2.76 -13.99
N ILE A 147 13.64 -2.82 -13.33
CA ILE A 147 13.25 -3.98 -12.51
C ILE A 147 11.94 -4.54 -13.03
N VAL A 148 11.81 -5.86 -13.04
CA VAL A 148 10.55 -6.49 -13.45
C VAL A 148 10.14 -7.50 -12.40
N GLU A 149 8.85 -7.83 -12.33
CA GLU A 149 8.41 -8.86 -11.43
C GLU A 149 7.11 -9.54 -11.84
N THR A 150 7.07 -10.84 -11.56
CA THR A 150 5.92 -11.67 -11.86
C THR A 150 5.87 -12.69 -10.74
N THR A 151 4.84 -13.51 -10.74
CA THR A 151 4.79 -14.65 -9.85
C THR A 151 5.47 -15.82 -10.57
N ALA A 152 5.64 -16.93 -9.86
CA ALA A 152 6.15 -18.20 -10.40
C ALA A 152 5.59 -19.30 -9.50
N LEU A 153 5.93 -20.55 -9.80
N LEU A 153 5.92 -20.55 -9.79
CA LEU A 153 5.43 -21.69 -9.05
CA LEU A 153 5.39 -21.64 -9.00
C LEU A 153 6.51 -22.31 -8.18
C LEU A 153 6.48 -22.32 -8.18
N PHE A 154 6.40 -22.11 -6.87
CA PHE A 154 7.30 -22.73 -5.91
C PHE A 154 6.69 -24.06 -5.57
N TYR A 155 7.53 -25.02 -5.27
CA TYR A 155 7.03 -26.31 -4.80
C TYR A 155 8.02 -26.91 -3.82
N ASN A 156 7.47 -27.64 -2.86
CA ASN A 156 8.25 -28.29 -1.82
C ASN A 156 8.52 -29.71 -2.27
N LYS A 157 9.79 -30.03 -2.55
CA LYS A 157 10.13 -31.35 -3.09
C LYS A 157 9.88 -32.55 -2.18
N LYS A 158 9.68 -32.33 -0.90
CA LYS A 158 9.36 -33.43 0.01
C LYS A 158 7.95 -33.92 -0.29
N LEU A 159 7.11 -33.03 -0.83
CA LEU A 159 5.72 -33.34 -1.15
C LEU A 159 5.48 -33.53 -2.66
N VAL A 160 6.15 -32.70 -3.47
CA VAL A 160 6.03 -32.72 -4.93
C VAL A 160 7.43 -32.88 -5.52
N LYS A 161 7.79 -34.09 -5.93
CA LYS A 161 9.13 -34.36 -6.44
C LYS A 161 9.52 -33.66 -7.71
N ASN A 162 8.60 -33.60 -8.66
CA ASN A 162 8.92 -33.02 -9.95
C ASN A 162 8.15 -31.75 -10.24
N ALA A 163 8.79 -30.89 -11.01
CA ALA A 163 8.21 -29.64 -11.40
C ALA A 163 6.97 -29.95 -12.23
N PRO A 164 5.82 -29.42 -11.82
CA PRO A 164 4.63 -29.65 -12.60
C PRO A 164 4.67 -28.87 -13.89
N GLN A 165 4.36 -29.56 -14.97
CA GLN A 165 4.37 -29.01 -16.32
C GLN A 165 3.03 -28.47 -16.75
N THR A 166 1.95 -29.04 -16.23
CA THR A 166 0.62 -28.67 -16.66
C THR A 166 -0.27 -28.34 -15.49
N LEU A 167 -1.31 -27.55 -15.75
CA LEU A 167 -2.25 -27.20 -14.70
C LEU A 167 -2.96 -28.48 -14.21
N GLU A 168 -3.13 -29.42 -15.14
CA GLU A 168 -3.75 -30.71 -14.83
C GLU A 168 -2.95 -31.45 -13.73
N GLU A 169 -1.61 -31.37 -13.76
CA GLU A 169 -0.84 -32.05 -12.74
C GLU A 169 -0.73 -31.19 -11.46
N VAL A 170 -0.92 -29.88 -11.60
CA VAL A 170 -1.01 -29.01 -10.42
C VAL A 170 -2.24 -29.47 -9.64
N GLU A 171 -3.34 -29.66 -10.35
CA GLU A 171 -4.59 -30.15 -9.77
C GLU A 171 -4.46 -31.54 -9.19
N ALA A 172 -3.80 -32.44 -9.92
CA ALA A 172 -3.61 -33.80 -9.47
C ALA A 172 -2.82 -33.79 -8.17
N ASN A 173 -1.80 -32.93 -8.10
CA ASN A 173 -1.06 -32.77 -6.85
C ASN A 173 -1.98 -32.25 -5.77
N ALA A 174 -2.91 -31.37 -6.14
CA ALA A 174 -3.87 -30.82 -5.18
C ALA A 174 -4.77 -31.92 -4.64
N ALA A 175 -5.27 -32.81 -5.53
CA ALA A 175 -6.16 -33.90 -5.11
C ALA A 175 -5.47 -34.84 -4.15
N LYS A 176 -4.21 -35.14 -4.44
CA LYS A 176 -3.43 -36.09 -3.68
C LYS A 176 -2.90 -35.59 -2.35
N LEU A 177 -2.53 -34.31 -2.28
CA LEU A 177 -1.87 -33.78 -1.09
C LEU A 177 -2.72 -32.95 -0.16
N THR A 178 -3.91 -32.58 -0.60
CA THR A 178 -4.78 -31.79 0.25
C THR A 178 -5.44 -32.73 1.26
N ASP A 179 -5.26 -32.41 2.55
CA ASP A 179 -5.85 -33.19 3.64
C ASP A 179 -6.45 -32.23 4.65
N SER A 180 -7.74 -32.45 4.92
CA SER A 180 -8.62 -31.62 5.77
C SER A 180 -8.05 -30.75 6.90
N LYS A 181 -7.79 -31.37 8.05
CA LYS A 181 -7.39 -30.64 9.25
C LYS A 181 -5.90 -30.68 9.59
N LYS A 182 -5.09 -31.32 8.75
CA LYS A 182 -3.65 -31.32 8.98
C LYS A 182 -3.09 -30.03 8.44
N LYS A 183 -3.97 -29.13 8.02
CA LYS A 183 -3.56 -27.87 7.36
C LYS A 183 -2.58 -28.16 6.21
N GLN A 184 -2.76 -29.29 5.50
CA GLN A 184 -1.91 -29.60 4.34
C GLN A 184 -2.68 -29.35 3.04
N TYR A 185 -2.06 -28.59 2.14
CA TYR A 185 -2.64 -28.24 0.86
C TYR A 185 -1.69 -28.52 -0.27
N GLY A 186 -2.18 -29.18 -1.31
CA GLY A 186 -1.34 -29.48 -2.43
C GLY A 186 -1.08 -28.25 -3.26
N MET A 187 -2.04 -27.34 -3.26
CA MET A 187 -1.95 -26.14 -4.09
C MET A 187 -2.42 -24.91 -3.32
N LEU A 188 -1.66 -23.83 -3.40
CA LEU A 188 -2.11 -22.56 -2.84
C LEU A 188 -1.69 -21.36 -3.66
N PHE A 189 -2.59 -20.38 -3.66
CA PHE A 189 -2.30 -19.05 -4.17
C PHE A 189 -3.43 -18.18 -3.62
N ASP A 190 -3.21 -16.87 -3.52
CA ASP A 190 -4.24 -15.98 -2.95
C ASP A 190 -5.28 -15.68 -4.02
N ALA A 191 -6.21 -16.61 -4.20
CA ALA A 191 -7.24 -16.54 -5.22
C ALA A 191 -8.28 -15.44 -5.03
N LYS A 192 -8.28 -14.80 -3.86
CA LYS A 192 -9.18 -13.67 -3.58
C LYS A 192 -8.66 -12.38 -4.21
N ASN A 193 -7.36 -12.36 -4.54
CA ASN A 193 -6.73 -11.16 -5.10
C ASN A 193 -6.52 -11.32 -6.61
N PHE A 194 -7.02 -10.37 -7.36
CA PHE A 194 -6.95 -10.42 -8.82
C PHE A 194 -5.53 -10.47 -9.35
N TYR A 195 -4.59 -9.87 -8.62
CA TYR A 195 -3.21 -9.89 -9.05
C TYR A 195 -2.66 -11.33 -9.10
N PHE A 196 -3.13 -12.18 -8.19
CA PHE A 196 -2.65 -13.56 -8.14
C PHE A 196 -3.49 -14.53 -8.95
N ASN A 197 -4.80 -14.33 -9.01
CA ASN A 197 -5.63 -15.27 -9.73
C ASN A 197 -5.71 -15.03 -11.25
N TYR A 198 -5.20 -13.89 -11.69
CA TYR A 198 -5.20 -13.48 -13.10
C TYR A 198 -4.75 -14.55 -14.10
N PRO A 199 -3.58 -15.17 -13.87
CA PRO A 199 -3.18 -16.15 -14.85
C PRO A 199 -4.10 -17.36 -14.89
N PHE A 200 -4.84 -17.62 -13.83
CA PHE A 200 -5.76 -18.74 -13.80
C PHE A 200 -7.09 -18.41 -14.47
N LEU A 201 -7.33 -17.12 -14.70
CA LEU A 201 -8.60 -16.64 -15.27
C LEU A 201 -8.48 -16.18 -16.70
N PHE A 202 -7.37 -15.54 -17.03
CA PHE A 202 -7.19 -15.01 -18.39
C PHE A 202 -6.16 -15.76 -19.21
N GLY A 203 -6.63 -16.30 -20.33
CA GLY A 203 -5.80 -16.97 -21.30
C GLY A 203 -5.28 -15.94 -22.31
N ASN A 204 -4.55 -16.44 -23.30
CA ASN A 204 -3.88 -15.61 -24.30
C ASN A 204 -4.86 -14.71 -25.12
N ASP A 205 -6.04 -15.25 -25.45
CA ASP A 205 -7.04 -14.48 -26.20
C ASP A 205 -8.06 -13.74 -25.31
N ASP A 206 -7.85 -13.73 -24.01
CA ASP A 206 -8.74 -13.01 -23.11
C ASP A 206 -8.12 -11.65 -22.87
N TYR A 207 -8.87 -10.71 -22.31
CA TYR A 207 -8.34 -9.40 -22.06
C TYR A 207 -9.10 -8.62 -20.98
N ILE A 208 -8.44 -7.58 -20.44
CA ILE A 208 -9.03 -6.68 -19.45
C ILE A 208 -9.71 -5.58 -20.26
N PHE A 209 -8.89 -4.81 -20.96
CA PHE A 209 -9.32 -3.79 -21.88
C PHE A 209 -8.86 -4.30 -23.24
N LYS A 210 -9.71 -4.22 -24.26
CA LYS A 210 -9.30 -4.71 -25.57
C LYS A 210 -8.15 -3.87 -26.18
N LYS A 211 -7.12 -4.55 -26.66
CA LYS A 211 -6.00 -3.89 -27.30
C LYS A 211 -6.28 -3.68 -28.77
N ASN A 212 -6.74 -2.50 -29.17
CA ASN A 212 -6.96 -2.21 -30.60
C ASN A 212 -5.61 -1.92 -31.30
N GLY A 213 -4.66 -2.84 -31.12
CA GLY A 213 -3.32 -2.70 -31.65
C GLY A 213 -2.36 -2.68 -30.49
N SER A 214 -2.00 -1.48 -30.04
CA SER A 214 -1.08 -1.32 -28.88
C SER A 214 -1.73 -0.53 -27.72
N GLU A 215 -2.81 0.16 -28.06
CA GLU A 215 -3.50 1.04 -27.18
C GLU A 215 -4.79 0.40 -26.67
N TYR A 216 -5.01 0.48 -25.36
CA TYR A 216 -6.18 -0.11 -24.73
C TYR A 216 -7.40 0.76 -24.91
N ASP A 217 -8.53 0.11 -25.15
CA ASP A 217 -9.82 0.74 -25.31
C ASP A 217 -10.55 0.61 -23.98
N ILE A 218 -10.68 1.72 -23.27
CA ILE A 218 -11.27 1.73 -21.94
C ILE A 218 -12.75 1.35 -21.87
N HIS A 219 -13.42 1.32 -23.01
CA HIS A 219 -14.84 0.98 -23.11
C HIS A 219 -15.15 -0.42 -23.60
N GLN A 220 -14.13 -1.22 -23.83
CA GLN A 220 -14.40 -2.60 -24.16
C GLN A 220 -13.64 -3.48 -23.15
N LEU A 221 -14.39 -3.97 -22.16
CA LEU A 221 -13.87 -4.81 -21.11
C LEU A 221 -14.06 -6.28 -21.46
N GLY A 222 -13.15 -7.13 -21.01
CA GLY A 222 -13.23 -8.56 -21.28
C GLY A 222 -13.28 -9.40 -20.03
N LEU A 223 -13.48 -8.75 -18.89
CA LEU A 223 -13.49 -9.40 -17.57
C LEU A 223 -14.59 -10.45 -17.40
N ASN A 224 -15.63 -10.33 -18.20
CA ASN A 224 -16.76 -11.25 -18.12
C ASN A 224 -16.99 -12.04 -19.41
N SER A 225 -15.92 -12.35 -20.14
N SER A 225 -15.91 -12.34 -20.14
CA SER A 225 -16.03 -13.14 -21.36
CA SER A 225 -16.03 -13.13 -21.37
C SER A 225 -16.40 -14.56 -20.98
C SER A 225 -16.34 -14.57 -21.00
N LYS A 226 -16.91 -15.32 -21.95
CA LYS A 226 -17.29 -16.71 -21.69
C LYS A 226 -16.11 -17.51 -21.16
N HIS A 227 -14.96 -17.33 -21.78
CA HIS A 227 -13.80 -18.10 -21.39
C HIS A 227 -13.37 -17.76 -19.98
N VAL A 228 -13.39 -16.48 -19.63
CA VAL A 228 -13.01 -16.05 -18.30
C VAL A 228 -14.02 -16.57 -17.27
N VAL A 229 -15.30 -16.51 -17.60
CA VAL A 229 -16.32 -17.04 -16.71
C VAL A 229 -16.03 -18.53 -16.49
N LYS A 230 -15.65 -19.22 -17.57
CA LYS A 230 -15.38 -20.65 -17.50
C LYS A 230 -14.21 -20.95 -16.54
N ASN A 231 -13.14 -20.17 -16.65
CA ASN A 231 -12.03 -20.30 -15.71
C ASN A 231 -12.46 -19.92 -14.29
N ALA A 232 -13.35 -18.94 -14.17
CA ALA A 232 -13.83 -18.56 -12.84
C ALA A 232 -14.63 -19.69 -12.21
N GLU A 233 -15.37 -20.44 -13.03
CA GLU A 233 -16.11 -21.63 -12.56
C GLU A 233 -15.12 -22.69 -12.10
N ARG A 234 -14.04 -22.87 -12.86
CA ARG A 234 -13.00 -23.82 -12.46
C ARG A 234 -12.41 -23.40 -11.11
N LEU A 235 -12.16 -22.12 -10.95
CA LEU A 235 -11.60 -21.61 -9.70
C LEU A 235 -12.55 -21.92 -8.53
N GLN A 236 -13.85 -21.73 -8.76
CA GLN A 236 -14.84 -22.03 -7.73
C GLN A 236 -14.83 -23.52 -7.39
N LYS A 237 -14.65 -24.36 -8.40
CA LYS A 237 -14.55 -25.80 -8.19
C LYS A 237 -13.35 -26.13 -7.29
N TRP A 238 -12.25 -25.38 -7.40
CA TRP A 238 -11.11 -25.65 -6.52
C TRP A 238 -11.45 -25.30 -5.07
N TYR A 239 -12.29 -24.29 -4.87
CA TYR A 239 -12.79 -24.00 -3.53
C TYR A 239 -13.77 -25.09 -3.08
N ASP A 240 -14.65 -25.53 -3.98
CA ASP A 240 -15.61 -26.58 -3.63
C ASP A 240 -14.92 -27.89 -3.27
N LYS A 241 -13.81 -28.19 -3.95
CA LYS A 241 -13.07 -29.43 -3.66
C LYS A 241 -12.16 -29.32 -2.43
N GLY A 242 -12.08 -28.13 -1.84
CA GLY A 242 -11.26 -27.93 -0.66
C GLY A 242 -9.79 -27.66 -0.95
N TYR A 243 -9.43 -27.34 -2.20
CA TYR A 243 -8.03 -27.10 -2.54
C TYR A 243 -7.54 -25.74 -2.05
N LEU A 244 -8.42 -24.76 -2.05
CA LEU A 244 -8.07 -23.42 -1.63
C LEU A 244 -8.86 -23.10 -0.38
N PRO A 245 -8.17 -22.75 0.70
CA PRO A 245 -8.88 -22.44 1.94
C PRO A 245 -9.42 -21.02 1.88
N LYS A 246 -10.66 -20.85 2.30
CA LYS A 246 -11.33 -19.55 2.25
C LYS A 246 -10.82 -18.55 3.29
N ALA A 247 -10.42 -19.04 4.45
CA ALA A 247 -10.01 -18.18 5.53
C ALA A 247 -8.62 -17.58 5.38
N ALA A 248 -7.73 -18.31 4.72
CA ALA A 248 -6.32 -17.88 4.61
C ALA A 248 -6.10 -16.64 3.76
N THR A 249 -5.21 -15.77 4.24
CA THR A 249 -4.75 -14.60 3.50
C THR A 249 -3.41 -14.99 2.88
N HIS A 250 -2.85 -14.13 2.04
CA HIS A 250 -1.54 -14.42 1.44
C HIS A 250 -0.50 -14.66 2.53
N ASP A 251 -0.51 -13.81 3.56
CA ASP A 251 0.47 -13.96 4.63
C ASP A 251 0.34 -15.30 5.33
N VAL A 252 -0.88 -15.82 5.46
CA VAL A 252 -1.07 -17.13 6.09
C VAL A 252 -0.50 -18.22 5.17
N MET A 253 -0.76 -18.07 3.86
CA MET A 253 -0.28 -19.01 2.87
C MET A 253 1.23 -19.09 2.90
N ILE A 254 1.88 -17.96 3.08
CA ILE A 254 3.32 -17.93 3.18
C ILE A 254 3.75 -18.76 4.38
N GLY A 255 3.03 -18.60 5.50
CA GLY A 255 3.33 -19.31 6.73
C GLY A 255 3.18 -20.82 6.57
N LEU A 256 2.06 -21.25 6.03
CA LEU A 256 1.80 -22.66 5.78
C LEU A 256 2.87 -23.27 4.87
N PHE A 257 3.24 -22.57 3.80
CA PHE A 257 4.29 -23.07 2.89
C PHE A 257 5.61 -23.28 3.63
N LYS A 258 5.99 -22.30 4.44
CA LYS A 258 7.21 -22.41 5.22
C LYS A 258 7.15 -23.51 6.29
N GLU A 259 5.95 -23.85 6.76
CA GLU A 259 5.82 -24.94 7.73
C GLU A 259 5.91 -26.31 7.06
N GLY A 260 6.02 -26.37 5.74
CA GLY A 260 6.11 -27.65 5.04
C GLY A 260 4.77 -28.32 4.85
N LYS A 261 3.70 -27.52 4.88
CA LYS A 261 2.36 -28.03 4.75
C LYS A 261 1.72 -27.84 3.37
N VAL A 262 2.49 -27.33 2.41
CA VAL A 262 1.98 -26.94 1.09
C VAL A 262 2.89 -27.42 -0.05
N GLY A 263 2.31 -28.16 -0.97
CA GLY A 263 3.06 -28.76 -2.06
C GLY A 263 3.49 -27.81 -3.13
N GLN A 264 2.56 -26.94 -3.54
CA GLN A 264 2.75 -25.97 -4.62
C GLN A 264 2.21 -24.60 -4.20
N PHE A 265 2.99 -23.55 -4.46
CA PHE A 265 2.59 -22.21 -4.09
C PHE A 265 2.99 -21.20 -5.13
N VAL A 266 1.98 -20.56 -5.71
CA VAL A 266 2.19 -19.52 -6.69
C VAL A 266 2.25 -18.18 -5.99
N THR A 267 3.40 -17.54 -6.11
CA THR A 267 3.61 -16.26 -5.52
C THR A 267 4.81 -15.60 -6.20
N GLY A 268 5.12 -14.36 -5.79
CA GLY A 268 6.24 -13.59 -6.33
C GLY A 268 7.56 -14.05 -5.74
N PRO A 269 8.65 -13.34 -6.07
CA PRO A 269 10.00 -13.68 -5.63
C PRO A 269 10.46 -13.00 -4.33
N TRP A 270 9.56 -12.26 -3.68
CA TRP A 270 9.91 -11.43 -2.51
C TRP A 270 10.48 -12.20 -1.32
N ASN A 271 10.05 -13.44 -1.10
CA ASN A 271 10.57 -14.22 0.05
C ASN A 271 11.46 -15.36 -0.38
N ILE A 272 12.10 -15.22 -1.53
CA ILE A 272 12.88 -16.31 -2.06
C ILE A 272 14.03 -16.73 -1.13
N ASN A 273 14.68 -15.78 -0.45
CA ASN A 273 15.75 -16.11 0.50
C ASN A 273 15.24 -16.88 1.69
N GLU A 274 14.10 -16.46 2.24
CA GLU A 274 13.54 -17.14 3.40
C GLU A 274 13.22 -18.59 3.03
N TYR A 275 12.62 -18.79 1.84
CA TYR A 275 12.25 -20.13 1.40
C TYR A 275 13.48 -21.03 1.16
N GLN A 276 14.54 -20.44 0.59
CA GLN A 276 15.81 -21.12 0.35
C GLN A 276 16.42 -21.56 1.66
N GLU A 277 16.41 -20.67 2.64
CA GLU A 277 17.01 -20.92 3.95
C GLU A 277 16.26 -22.06 4.63
N THR A 278 14.94 -22.04 4.51
CA THR A 278 14.09 -23.06 5.11
C THR A 278 14.22 -24.42 4.45
N PHE A 279 14.10 -24.47 3.13
CA PHE A 279 14.10 -25.74 2.42
C PHE A 279 15.39 -26.21 1.76
N GLY A 280 16.32 -25.31 1.45
CA GLY A 280 17.55 -25.72 0.80
C GLY A 280 17.25 -26.37 -0.53
N LYS A 281 17.82 -27.55 -0.76
CA LYS A 281 17.63 -28.26 -2.04
C LYS A 281 16.18 -28.67 -2.28
N ASP A 282 15.35 -28.72 -1.23
CA ASP A 282 13.95 -29.09 -1.39
C ASP A 282 13.06 -27.95 -1.90
N LEU A 283 13.64 -26.77 -2.12
CA LEU A 283 12.86 -25.68 -2.68
C LEU A 283 12.86 -25.82 -4.20
N GLY A 284 11.73 -26.16 -4.74
CA GLY A 284 11.60 -26.24 -6.18
C GLY A 284 11.00 -24.95 -6.66
N VAL A 285 11.42 -24.51 -7.84
CA VAL A 285 10.87 -23.32 -8.44
C VAL A 285 10.75 -23.58 -9.92
N THR A 286 9.59 -23.26 -10.49
CA THR A 286 9.39 -23.43 -11.91
C THR A 286 8.46 -22.34 -12.45
N THR A 287 8.37 -22.23 -13.78
CA THR A 287 7.47 -21.29 -14.42
C THR A 287 6.06 -21.82 -14.29
N LEU A 288 5.07 -20.94 -14.44
CA LEU A 288 3.69 -21.35 -14.36
C LEU A 288 3.50 -22.38 -15.48
N PRO A 289 2.68 -23.40 -15.24
CA PRO A 289 2.49 -24.47 -16.20
C PRO A 289 1.60 -24.06 -17.36
N THR A 290 1.52 -24.93 -18.36
CA THR A 290 0.64 -24.73 -19.47
C THR A 290 -0.75 -25.13 -18.99
N ASP A 291 -1.75 -24.54 -19.62
CA ASP A 291 -3.15 -24.76 -19.32
C ASP A 291 -3.79 -25.01 -20.65
N GLY A 292 -4.24 -26.24 -20.88
CA GLY A 292 -4.76 -26.62 -22.18
C GLY A 292 -3.69 -26.49 -23.25
N GLY A 293 -2.43 -26.78 -22.90
CA GLY A 293 -1.31 -26.67 -23.86
C GLY A 293 -0.74 -25.26 -24.08
N LYS A 294 -1.38 -24.24 -23.51
CA LYS A 294 -0.93 -22.85 -23.63
C LYS A 294 -0.26 -22.34 -22.34
N PRO A 295 0.75 -21.48 -22.51
N PRO A 295 0.89 -21.67 -22.47
CA PRO A 295 1.46 -20.92 -21.37
CA PRO A 295 1.51 -21.19 -21.24
C PRO A 295 0.57 -20.07 -20.50
C PRO A 295 0.69 -20.14 -20.51
N MET A 296 0.61 -20.29 -19.19
CA MET A 296 -0.13 -19.40 -18.32
C MET A 296 0.79 -18.21 -18.17
N LYS A 297 0.22 -17.02 -18.26
CA LYS A 297 0.98 -15.78 -18.19
C LYS A 297 0.50 -14.89 -17.08
N PRO A 298 1.36 -14.67 -16.10
CA PRO A 298 0.99 -13.84 -14.99
C PRO A 298 1.21 -12.41 -15.35
N PHE A 299 0.77 -11.53 -14.47
CA PHE A 299 0.98 -10.14 -14.69
C PHE A 299 2.47 -9.84 -14.65
N LEU A 300 2.88 -8.87 -15.48
CA LEU A 300 4.23 -8.36 -15.47
C LEU A 300 4.19 -6.95 -14.88
N GLY A 301 5.01 -6.71 -13.86
CA GLY A 301 5.15 -5.41 -13.21
C GLY A 301 6.53 -4.91 -13.58
N VAL A 302 6.61 -3.65 -13.97
CA VAL A 302 7.85 -3.05 -14.41
C VAL A 302 8.04 -1.73 -13.71
N ARG A 303 9.27 -1.46 -13.33
CA ARG A 303 9.62 -0.20 -12.67
C ARG A 303 10.84 0.27 -13.42
N GLY A 304 10.92 1.59 -13.69
CA GLY A 304 12.03 2.12 -14.45
C GLY A 304 12.12 3.63 -14.62
N TRP A 305 13.03 4.03 -15.51
CA TRP A 305 13.40 5.39 -15.72
C TRP A 305 12.63 6.11 -16.81
N TYR A 306 12.05 7.24 -16.43
CA TYR A 306 11.29 8.12 -17.30
C TYR A 306 12.11 9.36 -17.50
N LEU A 307 11.87 10.04 -18.62
CA LEU A 307 12.57 11.26 -18.98
C LEU A 307 11.63 12.43 -18.74
N SER A 308 12.07 13.39 -17.93
CA SER A 308 11.21 14.53 -17.64
C SER A 308 11.08 15.45 -18.83
N GLU A 309 9.84 15.86 -19.14
CA GLU A 309 9.60 16.84 -20.18
C GLU A 309 10.30 18.15 -19.85
N TYR A 310 10.52 18.41 -18.56
CA TYR A 310 11.17 19.63 -18.10
C TYR A 310 12.70 19.55 -18.04
N SER A 311 13.28 18.48 -18.54
CA SER A 311 14.75 18.41 -18.59
C SER A 311 15.27 19.32 -19.68
N LYS A 312 16.32 20.07 -19.40
CA LYS A 312 16.91 20.94 -20.43
C LYS A 312 18.05 20.23 -21.16
N HIS A 313 18.25 18.94 -20.87
CA HIS A 313 19.33 18.16 -21.48
C HIS A 313 18.87 16.73 -21.81
N LYS A 314 17.81 16.65 -22.60
CA LYS A 314 17.22 15.37 -22.96
C LYS A 314 18.20 14.41 -23.65
N TYR A 315 19.08 14.91 -24.52
CA TYR A 315 20.02 14.02 -25.17
C TYR A 315 20.86 13.26 -24.15
N TRP A 316 21.52 14.01 -23.28
CA TRP A 316 22.40 13.42 -22.27
C TRP A 316 21.70 12.69 -21.15
N ALA A 317 20.43 13.05 -20.90
CA ALA A 317 19.63 12.34 -19.91
C ALA A 317 19.38 10.95 -20.46
N LYS A 318 19.10 10.90 -21.77
CA LYS A 318 18.87 9.65 -22.46
C LYS A 318 20.15 8.80 -22.36
N ASP A 319 21.29 9.46 -22.52
CA ASP A 319 22.58 8.80 -22.46
C ASP A 319 22.80 8.19 -21.08
N LEU A 320 22.49 8.94 -20.04
CA LEU A 320 22.62 8.44 -18.69
C LEU A 320 21.65 7.27 -18.44
N MET A 321 20.42 7.39 -18.94
N MET A 321 20.43 7.38 -18.95
CA MET A 321 19.41 6.32 -18.80
CA MET A 321 19.44 6.33 -18.78
C MET A 321 19.90 5.02 -19.43
C MET A 321 19.92 5.03 -19.43
N LEU A 322 20.56 5.13 -20.58
CA LEU A 322 21.09 3.95 -21.29
C LEU A 322 22.27 3.32 -20.53
N TYR A 323 23.06 4.16 -19.87
CA TYR A 323 24.20 3.72 -19.11
C TYR A 323 23.75 2.97 -17.86
N ILE A 324 22.75 3.50 -17.17
CA ILE A 324 22.27 2.85 -15.95
C ILE A 324 21.35 1.63 -16.23
N THR A 325 21.06 1.35 -17.50
CA THR A 325 20.24 0.18 -17.90
C THR A 325 21.00 -0.74 -18.86
N SER A 326 22.32 -0.59 -18.88
CA SER A 326 23.19 -1.43 -19.70
C SER A 326 23.24 -2.81 -19.09
N LYS A 327 23.68 -3.79 -19.87
CA LYS A 327 23.86 -5.17 -19.36
C LYS A 327 24.82 -5.14 -18.17
N ASP A 328 25.90 -4.38 -18.30
CA ASP A 328 26.87 -4.28 -17.23
C ASP A 328 26.24 -3.77 -15.92
N THR A 329 25.48 -2.68 -16.00
CA THR A 329 24.89 -2.11 -14.81
C THR A 329 23.84 -3.00 -14.18
N LEU A 330 22.94 -3.51 -15.01
CA LEU A 330 21.86 -4.35 -14.50
C LEU A 330 22.34 -5.73 -14.01
N GLN A 331 23.47 -6.20 -14.55
CA GLN A 331 24.04 -7.46 -14.10
C GLN A 331 24.49 -7.25 -12.67
N LYS A 332 25.24 -6.15 -12.46
CA LYS A 332 25.71 -5.77 -11.12
C LYS A 332 24.53 -5.61 -10.20
N TYR A 333 23.45 -5.05 -10.73
CA TYR A 333 22.25 -4.83 -9.95
C TYR A 333 21.61 -6.12 -9.50
N THR A 334 21.44 -7.08 -10.41
CA THR A 334 20.79 -8.33 -10.00
C THR A 334 21.67 -9.06 -8.98
N ASP A 335 22.99 -8.93 -9.12
CA ASP A 335 23.91 -9.57 -8.17
C ASP A 335 23.76 -9.02 -6.75
N GLU A 336 23.71 -7.70 -6.62
N GLU A 336 23.72 -7.70 -6.64
CA GLU A 336 23.63 -7.09 -5.30
CA GLU A 336 23.66 -7.03 -5.34
C GLU A 336 22.23 -7.01 -4.71
C GLU A 336 22.25 -6.92 -4.72
N MET A 337 21.21 -6.93 -5.56
CA MET A 337 19.82 -6.81 -5.08
C MET A 337 18.96 -8.05 -5.15
N SER A 338 19.38 -9.08 -5.86
CA SER A 338 18.56 -10.29 -6.03
C SER A 338 17.19 -9.96 -6.61
N GLU A 339 17.17 -9.11 -7.63
CA GLU A 339 15.93 -8.80 -8.29
C GLU A 339 16.12 -9.08 -9.75
N ILE A 340 15.01 -9.36 -10.42
CA ILE A 340 15.02 -9.60 -11.85
C ILE A 340 14.95 -8.20 -12.50
N THR A 341 15.67 -8.05 -13.61
CA THR A 341 15.75 -6.76 -14.28
C THR A 341 15.07 -6.77 -15.64
N GLY A 342 14.98 -5.60 -16.26
CA GLY A 342 14.34 -5.47 -17.57
C GLY A 342 15.20 -5.87 -18.77
N ARG A 343 16.40 -6.41 -18.49
CA ARG A 343 17.32 -6.91 -19.50
C ARG A 343 17.33 -8.45 -19.53
N VAL A 344 17.06 -9.01 -20.71
CA VAL A 344 17.05 -10.45 -20.86
C VAL A 344 18.47 -11.02 -20.96
N ASP A 345 19.47 -10.16 -21.22
CA ASP A 345 20.87 -10.61 -21.28
C ASP A 345 21.58 -10.58 -19.92
N VAL A 346 20.84 -10.24 -18.87
CA VAL A 346 21.37 -10.23 -17.52
C VAL A 346 20.99 -11.60 -16.93
N LYS A 347 21.97 -12.26 -16.33
CA LYS A 347 21.76 -13.59 -15.76
C LYS A 347 22.18 -13.62 -14.31
N SER A 348 21.24 -13.98 -13.45
CA SER A 348 21.50 -14.16 -12.03
C SER A 348 22.28 -15.44 -11.85
N SER A 349 23.09 -15.50 -10.80
N SER A 349 23.09 -15.48 -10.80
CA SER A 349 23.83 -16.70 -10.49
CA SER A 349 23.84 -16.67 -10.44
C SER A 349 22.90 -17.66 -9.71
C SER A 349 22.91 -17.64 -9.70
N ASN A 350 21.84 -17.11 -9.12
CA ASN A 350 20.85 -17.92 -8.37
C ASN A 350 19.90 -18.66 -9.33
N PRO A 351 19.92 -19.97 -9.32
CA PRO A 351 19.00 -20.74 -10.20
C PRO A 351 17.52 -20.52 -9.95
N ASN A 352 17.12 -20.19 -8.72
CA ASN A 352 15.71 -19.93 -8.44
C ASN A 352 15.28 -18.63 -9.15
N LEU A 353 16.20 -17.64 -9.22
CA LEU A 353 15.91 -16.36 -9.90
C LEU A 353 15.93 -16.50 -11.41
N LYS A 354 16.68 -17.48 -11.90
CA LYS A 354 16.72 -17.74 -13.34
C LYS A 354 15.30 -18.15 -13.79
N VAL A 355 14.55 -18.80 -12.90
CA VAL A 355 13.19 -19.18 -13.20
C VAL A 355 12.36 -17.88 -13.38
N PHE A 356 12.52 -16.93 -12.46
CA PHE A 356 11.81 -15.68 -12.56
C PHE A 356 12.25 -14.89 -13.82
N GLU A 357 13.52 -14.96 -14.18
CA GLU A 357 13.98 -14.30 -15.42
C GLU A 357 13.18 -14.81 -16.61
N LYS A 358 13.02 -16.12 -16.70
CA LYS A 358 12.29 -16.74 -17.79
C LYS A 358 10.83 -16.40 -17.74
N GLN A 359 10.25 -16.39 -16.55
CA GLN A 359 8.84 -16.10 -16.42
C GLN A 359 8.53 -14.72 -16.88
N ALA A 360 9.47 -13.81 -16.67
CA ALA A 360 9.28 -12.40 -17.04
C ALA A 360 9.25 -12.19 -18.53
N ARG A 361 9.72 -13.18 -19.30
CA ARG A 361 9.70 -13.09 -20.75
C ARG A 361 8.43 -13.76 -21.28
N HIS A 362 7.63 -14.32 -20.37
CA HIS A 362 6.40 -14.96 -20.75
C HIS A 362 5.31 -14.42 -19.83
N ALA A 363 5.06 -13.12 -19.93
CA ALA A 363 4.11 -12.49 -19.04
C ALA A 363 3.36 -11.37 -19.72
N GLU A 364 2.32 -10.90 -19.04
CA GLU A 364 1.42 -9.88 -19.57
C GLU A 364 1.44 -8.64 -18.70
N PRO A 365 1.85 -7.51 -19.28
CA PRO A 365 1.88 -6.26 -18.53
C PRO A 365 0.52 -5.88 -17.93
N MET A 366 0.53 -5.38 -16.72
CA MET A 366 -0.70 -4.84 -16.14
C MET A 366 -0.98 -3.63 -17.02
N PRO A 367 -2.22 -3.47 -17.50
CA PRO A 367 -2.46 -2.30 -18.37
C PRO A 367 -1.92 -1.01 -17.75
N ASN A 368 -1.15 -0.25 -18.51
CA ASN A 368 -0.49 0.95 -17.97
C ASN A 368 -1.29 2.24 -18.02
N ILE A 369 -2.62 2.13 -18.15
CA ILE A 369 -3.51 3.27 -18.26
C ILE A 369 -4.16 3.64 -16.91
N PRO A 370 -4.56 4.92 -16.72
CA PRO A 370 -5.20 5.32 -15.47
C PRO A 370 -6.46 4.52 -15.15
N GLU A 371 -7.24 4.17 -16.17
CA GLU A 371 -8.49 3.47 -15.97
C GLU A 371 -8.33 2.07 -15.34
N MET A 372 -7.13 1.52 -15.39
CA MET A 372 -6.85 0.22 -14.79
C MET A 372 -7.02 0.26 -13.28
N ARG A 373 -6.90 1.44 -12.67
CA ARG A 373 -7.05 1.58 -11.23
C ARG A 373 -8.45 1.26 -10.79
N GLN A 374 -9.41 1.40 -11.69
CA GLN A 374 -10.79 1.09 -11.37
C GLN A 374 -11.09 -0.41 -11.44
N VAL A 375 -10.15 -1.17 -11.94
CA VAL A 375 -10.35 -2.59 -12.16
C VAL A 375 -10.08 -3.43 -10.95
N TRP A 376 -9.06 -3.07 -10.19
CA TRP A 376 -8.59 -3.89 -9.07
C TRP A 376 -9.62 -4.27 -8.02
N GLU A 377 -10.25 -3.27 -7.40
CA GLU A 377 -11.17 -3.56 -6.33
C GLU A 377 -12.41 -4.34 -6.78
N PRO A 378 -13.07 -3.92 -7.86
CA PRO A 378 -14.22 -4.70 -8.29
C PRO A 378 -13.87 -6.17 -8.60
N MET A 379 -12.72 -6.42 -9.22
CA MET A 379 -12.32 -7.81 -9.50
C MET A 379 -11.93 -8.53 -8.22
N GLY A 380 -11.38 -7.80 -7.26
CA GLY A 380 -11.07 -8.39 -5.95
C GLY A 380 -12.39 -8.81 -5.30
N ASN A 381 -13.37 -7.93 -5.35
CA ASN A 381 -14.68 -8.20 -4.76
C ASN A 381 -15.31 -9.42 -5.42
N ALA A 382 -15.30 -9.46 -6.76
CA ALA A 382 -15.86 -10.60 -7.48
C ALA A 382 -15.14 -11.89 -7.07
N SER A 383 -13.82 -11.83 -6.89
CA SER A 383 -13.03 -13.01 -6.51
C SER A 383 -13.45 -13.49 -5.11
N ILE A 384 -13.67 -12.53 -4.20
CA ILE A 384 -14.13 -12.85 -2.88
C ILE A 384 -15.49 -13.55 -2.97
N PHE A 385 -16.41 -12.97 -3.74
CA PHE A 385 -17.74 -13.55 -3.89
C PHE A 385 -17.68 -14.97 -4.47
N ILE A 386 -16.83 -15.15 -5.47
CA ILE A 386 -16.64 -16.45 -6.06
C ILE A 386 -16.14 -17.46 -5.01
N SER A 387 -15.24 -17.01 -4.15
CA SER A 387 -14.72 -17.88 -3.09
C SER A 387 -15.87 -18.26 -2.15
N ASN A 388 -16.82 -17.35 -1.98
CA ASN A 388 -17.99 -17.55 -1.08
C ASN A 388 -19.16 -18.30 -1.73
N GLY A 389 -19.03 -18.65 -3.01
CA GLY A 389 -20.07 -19.42 -3.68
C GLY A 389 -20.96 -18.66 -4.66
N LYS A 390 -20.69 -17.39 -4.89
CA LYS A 390 -21.54 -16.66 -5.81
C LYS A 390 -21.33 -17.21 -7.23
N ASN A 391 -22.42 -17.27 -8.00
CA ASN A 391 -22.37 -17.66 -9.41
C ASN A 391 -21.26 -16.85 -10.08
N PRO A 392 -20.27 -17.52 -10.69
CA PRO A 392 -19.19 -16.69 -11.25
C PRO A 392 -19.61 -15.75 -12.41
N LYS A 393 -20.52 -16.17 -13.29
CA LYS A 393 -20.97 -15.25 -14.36
C LYS A 393 -21.57 -13.97 -13.74
N GLN A 394 -22.42 -14.12 -12.72
CA GLN A 394 -23.00 -12.96 -12.04
C GLN A 394 -21.91 -12.09 -11.42
N ALA A 395 -21.00 -12.74 -10.71
CA ALA A 395 -19.95 -12.05 -10.01
C ALA A 395 -19.18 -11.17 -10.98
N LEU A 396 -18.76 -11.76 -12.09
CA LEU A 396 -17.98 -11.03 -13.11
C LEU A 396 -18.82 -10.06 -13.93
N ASP A 397 -20.10 -10.35 -14.10
CA ASP A 397 -20.98 -9.40 -14.78
C ASP A 397 -21.11 -8.11 -13.94
N GLU A 398 -21.29 -8.27 -12.63
CA GLU A 398 -21.44 -7.12 -11.73
C GLU A 398 -20.15 -6.31 -11.64
N ALA A 399 -19.01 -7.01 -11.59
CA ALA A 399 -17.73 -6.32 -11.54
C ALA A 399 -17.60 -5.47 -12.80
N THR A 400 -17.96 -6.05 -13.94
CA THR A 400 -17.81 -5.36 -15.21
C THR A 400 -18.66 -4.11 -15.25
N ASN A 401 -19.92 -4.22 -14.83
N ASN A 401 -19.92 -4.23 -14.81
CA ASN A 401 -20.80 -3.06 -14.81
CA ASN A 401 -20.83 -3.10 -14.76
C ASN A 401 -20.28 -2.00 -13.83
C ASN A 401 -20.28 -2.01 -13.83
N ASP A 402 -19.73 -2.44 -12.70
CA ASP A 402 -19.18 -1.53 -11.69
C ASP A 402 -17.96 -0.77 -12.22
N ILE A 403 -17.09 -1.49 -12.93
CA ILE A 403 -15.92 -0.88 -13.54
C ILE A 403 -16.36 0.16 -14.57
N THR A 404 -17.27 -0.24 -15.45
CA THR A 404 -17.78 0.67 -16.46
C THR A 404 -18.28 1.96 -15.79
N GLN A 405 -19.05 1.79 -14.73
CA GLN A 405 -19.66 2.89 -13.96
C GLN A 405 -18.61 3.77 -13.30
N ASN A 406 -17.63 3.13 -12.65
CA ASN A 406 -16.61 3.87 -11.94
C ASN A 406 -15.67 4.61 -12.89
N ILE A 407 -15.41 4.04 -14.05
CA ILE A 407 -14.56 4.70 -15.02
C ILE A 407 -15.24 5.96 -15.52
N LYS A 408 -16.56 5.90 -15.71
CA LYS A 408 -17.31 7.06 -16.18
C LYS A 408 -17.30 8.20 -15.17
N ILE A 409 -17.41 7.85 -13.90
CA ILE A 409 -17.42 8.84 -12.85
C ILE A 409 -16.06 9.50 -12.71
N LEU A 410 -15.01 8.69 -12.70
CA LEU A 410 -13.66 9.22 -12.46
C LEU A 410 -12.93 9.73 -13.70
N HIS A 411 -13.40 9.36 -14.91
CA HIS A 411 -12.79 9.82 -16.17
C HIS A 411 -13.87 10.22 -17.19
N PRO A 412 -14.56 11.35 -16.95
CA PRO A 412 -15.63 11.84 -17.82
C PRO A 412 -15.13 12.71 -18.98
N LYS B 37 27.76 10.87 31.23
CA LYS B 37 26.49 10.98 30.45
C LYS B 37 26.49 12.31 29.68
N ASP B 38 27.71 12.74 29.31
CA ASP B 38 27.92 14.00 28.56
C ASP B 38 27.76 13.83 27.04
N LYS B 39 27.50 14.97 26.40
CA LYS B 39 27.21 15.06 24.96
C LYS B 39 28.14 14.29 24.02
N PRO B 40 27.56 13.64 22.98
CA PRO B 40 28.39 13.02 21.97
C PRO B 40 28.58 14.03 20.85
N ASN B 41 29.42 13.71 19.87
CA ASN B 41 29.66 14.63 18.76
C ASN B 41 28.55 14.61 17.72
N GLN B 42 27.85 13.48 17.60
CA GLN B 42 26.82 13.35 16.57
C GLN B 42 25.69 12.43 16.99
N LEU B 43 24.51 12.69 16.44
CA LEU B 43 23.32 11.86 16.64
C LEU B 43 22.72 11.65 15.27
N THR B 44 22.26 10.44 14.99
CA THR B 44 21.70 10.12 13.69
C THR B 44 20.20 9.90 13.76
N MET B 45 19.45 10.42 12.79
CA MET B 45 18.02 10.18 12.75
C MET B 45 17.54 9.75 11.38
N TRP B 46 16.63 8.78 11.39
CA TRP B 46 16.01 8.22 10.19
C TRP B 46 14.62 8.86 9.97
N VAL B 47 14.56 9.74 8.96
CA VAL B 47 13.38 10.55 8.63
C VAL B 47 12.62 9.99 7.45
N ASP B 48 11.30 10.03 7.53
CA ASP B 48 10.41 9.49 6.50
C ASP B 48 10.07 10.45 5.34
N GLY B 49 10.97 10.50 4.34
CA GLY B 49 10.72 11.29 3.12
C GLY B 49 11.59 12.51 2.98
N ASP B 50 11.77 12.95 1.74
N ASP B 50 11.80 12.96 1.75
CA ASP B 50 12.60 14.13 1.45
CA ASP B 50 12.64 14.13 1.51
C ASP B 50 11.97 15.40 2.01
C ASP B 50 11.97 15.41 2.01
N LYS B 51 10.64 15.43 2.02
CA LYS B 51 9.89 16.60 2.48
C LYS B 51 10.09 16.80 3.98
N GLN B 52 9.84 15.75 4.76
CA GLN B 52 10.06 15.82 6.19
C GLN B 52 11.55 16.03 6.49
N MET B 53 12.41 15.43 5.67
CA MET B 53 13.83 15.55 5.88
C MET B 53 14.29 17.02 5.77
N ALA B 54 13.81 17.72 4.75
CA ALA B 54 14.16 19.13 4.55
C ALA B 54 13.70 19.97 5.74
N PHE B 55 12.56 19.58 6.33
CA PHE B 55 12.00 20.28 7.49
C PHE B 55 12.79 19.98 8.75
N TYR B 56 13.13 18.72 8.99
CA TYR B 56 13.88 18.38 10.18
C TYR B 56 15.35 18.83 10.12
N LYS B 57 15.87 19.10 8.93
CA LYS B 57 17.22 19.63 8.81
C LYS B 57 17.25 21.00 9.47
N LYS B 58 16.31 21.85 9.07
CA LYS B 58 16.21 23.20 9.62
C LYS B 58 16.12 23.12 11.12
N ILE B 59 15.19 22.30 11.61
CA ILE B 59 15.01 22.15 13.05
C ILE B 59 16.27 21.66 13.76
N THR B 60 16.92 20.62 13.22
CA THR B 60 18.11 20.07 13.86
C THR B 60 19.29 21.05 13.82
N ASP B 61 19.36 21.89 12.80
CA ASP B 61 20.40 22.92 12.72
C ASP B 61 20.33 23.80 13.97
N GLN B 62 19.12 24.08 14.45
CA GLN B 62 18.97 24.89 15.64
C GLN B 62 19.35 24.08 16.87
N TYR B 63 19.08 22.78 16.83
CA TYR B 63 19.46 21.89 17.92
C TYR B 63 20.97 21.94 18.09
N THR B 64 21.69 21.90 16.97
CA THR B 64 23.14 21.91 16.99
C THR B 64 23.68 23.24 17.58
N LYS B 65 23.07 24.38 17.24
CA LYS B 65 23.51 25.68 17.82
C LYS B 65 23.29 25.69 19.33
N LYS B 66 22.16 25.12 19.78
CA LYS B 66 21.84 25.07 21.21
C LYS B 66 22.76 24.13 22.01
N THR B 67 22.91 22.90 21.53
CA THR B 67 23.64 21.85 22.24
C THR B 67 25.06 21.57 21.78
N GLY B 68 25.36 21.89 20.53
CA GLY B 68 26.70 21.64 19.98
C GLY B 68 26.80 20.25 19.34
N ILE B 69 25.76 19.44 19.51
CA ILE B 69 25.72 18.11 18.96
C ILE B 69 25.23 18.15 17.51
N LYS B 70 26.03 17.62 16.59
CA LYS B 70 25.64 17.57 15.18
C LYS B 70 24.60 16.47 14.99
N VAL B 71 23.72 16.68 14.01
CA VAL B 71 22.70 15.71 13.68
C VAL B 71 22.81 15.29 12.22
N LYS B 72 22.94 13.99 11.99
CA LYS B 72 22.95 13.43 10.65
C LYS B 72 21.54 12.93 10.40
N LEU B 73 21.00 13.23 9.23
CA LEU B 73 19.65 12.79 8.85
C LEU B 73 19.73 11.84 7.67
N VAL B 74 18.92 10.79 7.66
CA VAL B 74 18.90 9.86 6.52
C VAL B 74 17.47 9.65 6.06
N ASN B 75 17.25 9.71 4.75
CA ASN B 75 15.90 9.53 4.21
C ASN B 75 15.60 8.07 3.98
N ILE B 76 14.79 7.50 4.86
CA ILE B 76 14.37 6.12 4.73
C ILE B 76 12.86 6.08 4.98
N GLY B 77 12.12 5.55 4.02
CA GLY B 77 10.68 5.44 4.14
C GLY B 77 10.31 4.71 5.41
N GLN B 78 9.25 5.14 6.07
CA GLN B 78 8.85 4.51 7.33
C GLN B 78 8.48 3.04 7.13
N ASN B 79 7.99 2.71 5.95
CA ASN B 79 7.62 1.32 5.61
C ASN B 79 8.84 0.40 5.49
N ASP B 80 10.02 0.99 5.31
CA ASP B 80 11.28 0.23 5.17
C ASP B 80 12.22 0.37 6.39
N GLN B 81 11.92 1.31 7.30
CA GLN B 81 12.81 1.53 8.43
C GLN B 81 12.97 0.35 9.39
N LEU B 82 11.92 -0.42 9.61
CA LEU B 82 12.02 -1.51 10.59
C LEU B 82 12.93 -2.63 10.10
N GLU B 83 12.77 -3.02 8.85
CA GLU B 83 13.62 -4.04 8.24
C GLU B 83 15.07 -3.57 8.21
N ASN B 84 15.28 -2.33 7.75
CA ASN B 84 16.61 -1.76 7.64
C ASN B 84 17.34 -1.68 8.96
N ILE B 85 16.63 -1.29 10.00
CA ILE B 85 17.25 -1.12 11.31
C ILE B 85 17.63 -2.48 11.90
N SER B 86 16.84 -3.52 11.65
CA SER B 86 17.17 -4.84 12.21
C SER B 86 18.50 -5.33 11.67
N LEU B 87 18.86 -4.89 10.46
CA LEU B 87 20.13 -5.23 9.85
C LEU B 87 21.27 -4.26 10.24
N ASP B 88 21.04 -2.95 10.10
CA ASP B 88 22.08 -1.95 10.38
C ASP B 88 22.43 -1.73 11.85
N ALA B 89 21.43 -1.75 12.73
CA ALA B 89 21.67 -1.44 14.15
C ALA B 89 22.72 -2.37 14.78
N PRO B 90 22.56 -3.71 14.62
CA PRO B 90 23.56 -4.65 15.19
C PRO B 90 24.96 -4.47 14.61
N ALA B 91 25.06 -3.88 13.41
CA ALA B 91 26.37 -3.64 12.79
C ALA B 91 26.92 -2.23 13.11
N GLY B 92 26.25 -1.51 14.00
CA GLY B 92 26.70 -0.15 14.38
C GLY B 92 26.39 0.97 13.37
N LYS B 93 25.63 0.64 12.33
CA LYS B 93 25.29 1.58 11.26
C LYS B 93 23.87 2.13 11.39
N GLY B 94 23.21 1.83 12.49
CA GLY B 94 21.83 2.27 12.70
C GLY B 94 21.74 3.67 13.26
N PRO B 95 20.53 4.19 13.38
CA PRO B 95 20.37 5.55 13.90
C PRO B 95 20.21 5.55 15.42
N ASP B 96 20.26 6.73 16.02
CA ASP B 96 19.96 6.84 17.42
C ASP B 96 18.42 6.87 17.54
N ILE B 97 17.75 7.60 16.65
CA ILE B 97 16.28 7.65 16.67
C ILE B 97 15.73 7.38 15.25
N PHE B 98 14.59 6.70 15.18
CA PHE B 98 13.99 6.32 13.89
C PHE B 98 12.49 6.58 13.93
N PHE B 99 11.84 6.43 12.78
CA PHE B 99 10.44 6.82 12.60
C PHE B 99 9.59 5.68 12.07
N LEU B 100 8.48 5.40 12.76
CA LEU B 100 7.53 4.35 12.36
C LEU B 100 6.03 4.70 12.59
N ALA B 101 5.16 4.02 11.83
CA ALA B 101 3.70 4.03 12.06
C ALA B 101 3.51 3.23 13.35
N HIS B 102 2.65 3.67 14.26
CA HIS B 102 2.51 3.05 15.58
C HIS B 102 2.13 1.58 15.62
N ASP B 103 1.52 1.06 14.55
CA ASP B 103 1.14 -0.34 14.56
C ASP B 103 2.32 -1.29 14.56
N ASN B 104 3.51 -0.77 14.28
CA ASN B 104 4.73 -1.54 14.33
C ASN B 104 5.38 -1.54 15.71
N THR B 105 4.71 -0.92 16.68
CA THR B 105 5.24 -0.77 18.03
C THR B 105 5.59 -2.09 18.68
N GLY B 106 4.65 -2.99 18.77
CA GLY B 106 4.89 -4.30 19.39
C GLY B 106 6.01 -5.08 18.71
N SER B 107 6.00 -5.08 17.38
CA SER B 107 7.00 -5.81 16.62
C SER B 107 8.39 -5.18 16.81
N ALA B 108 8.45 -3.87 16.80
CA ALA B 108 9.73 -3.17 16.99
C ALA B 108 10.29 -3.52 18.36
N TYR B 109 9.43 -3.53 19.37
CA TYR B 109 9.88 -3.86 20.71
C TYR B 109 10.29 -5.34 20.82
N LEU B 110 9.41 -6.24 20.41
CA LEU B 110 9.64 -7.69 20.48
C LEU B 110 10.95 -8.15 19.78
N GLN B 111 11.36 -7.44 18.74
CA GLN B 111 12.60 -7.75 18.04
C GLN B 111 13.85 -7.18 18.74
N GLY B 112 13.68 -6.40 19.81
CA GLY B 112 14.81 -5.82 20.53
C GLY B 112 15.43 -4.65 19.78
N LEU B 113 14.59 -3.93 19.03
CA LEU B 113 15.07 -2.79 18.24
C LEU B 113 14.63 -1.46 18.83
N ALA B 114 13.45 -1.44 19.44
CA ALA B 114 12.88 -0.24 20.04
C ALA B 114 13.09 -0.25 21.55
N ALA B 115 13.78 0.75 22.08
CA ALA B 115 14.04 0.85 23.51
C ALA B 115 13.00 1.71 24.22
N GLU B 116 12.80 1.39 25.49
CA GLU B 116 11.86 2.10 26.36
C GLU B 116 12.35 3.52 26.64
N ILE B 117 11.44 4.48 26.55
CA ILE B 117 11.76 5.87 26.81
C ILE B 117 11.08 6.23 28.12
N LYS B 118 11.87 6.64 29.09
CA LYS B 118 11.38 6.99 30.41
C LYS B 118 11.18 8.51 30.40
N LEU B 119 9.96 8.94 30.69
CA LEU B 119 9.62 10.35 30.57
C LEU B 119 9.02 10.99 31.82
N SER B 120 9.33 12.27 32.02
CA SER B 120 8.78 13.05 33.14
C SER B 120 7.37 13.44 32.81
N LYS B 121 6.56 13.71 33.83
CA LYS B 121 5.23 14.24 33.60
C LYS B 121 5.36 15.55 32.82
N ASP B 122 6.36 16.36 33.18
N ASP B 122 6.37 16.36 33.17
CA ASP B 122 6.61 17.62 32.48
CA ASP B 122 6.60 17.62 32.49
C ASP B 122 7.01 17.41 31.03
C ASP B 122 6.96 17.39 31.02
N GLU B 123 7.63 16.26 30.75
CA GLU B 123 8.03 15.92 29.38
C GLU B 123 6.84 15.39 28.58
N LEU B 124 5.90 14.73 29.25
CA LEU B 124 4.71 14.21 28.62
C LEU B 124 3.66 15.32 28.35
N LYS B 125 3.74 16.40 29.13
CA LYS B 125 2.81 17.51 29.03
C LYS B 125 2.62 18.01 27.60
N GLY B 126 1.36 18.13 27.17
CA GLY B 126 1.05 18.62 25.84
C GLY B 126 0.91 17.54 24.77
N PHE B 127 1.26 16.30 25.12
CA PHE B 127 1.10 15.20 24.18
C PHE B 127 -0.30 14.60 24.20
N ASN B 128 -0.81 14.29 23.01
CA ASN B 128 -2.08 13.60 22.85
C ASN B 128 -2.01 12.28 23.64
N LYS B 129 -2.90 12.12 24.61
CA LYS B 129 -2.89 10.94 25.49
C LYS B 129 -3.10 9.60 24.80
N GLN B 130 -4.05 9.52 23.86
CA GLN B 130 -4.27 8.28 23.16
C GLN B 130 -3.13 8.03 22.18
N ALA B 131 -2.49 9.10 21.71
CA ALA B 131 -1.35 8.94 20.80
C ALA B 131 -0.20 8.26 21.53
N LEU B 132 0.02 8.66 22.78
CA LEU B 132 1.05 8.05 23.60
C LEU B 132 0.74 6.58 23.84
N LYS B 133 -0.53 6.29 24.18
CA LYS B 133 -0.94 4.90 24.41
C LYS B 133 -0.70 4.07 23.17
N ALA B 134 -0.96 4.67 22.00
CA ALA B 134 -0.76 3.98 20.72
C ALA B 134 0.71 3.55 20.57
N MET B 135 1.60 4.25 21.24
CA MET B 135 3.03 3.99 21.21
C MET B 135 3.55 3.38 22.51
N ASN B 136 2.66 2.72 23.24
CA ASN B 136 3.01 2.09 24.50
C ASN B 136 2.67 0.60 24.40
N TYR B 137 3.64 -0.26 24.69
CA TYR B 137 3.48 -1.71 24.62
C TYR B 137 4.21 -2.38 25.77
N ASP B 138 3.57 -3.42 26.34
CA ASP B 138 4.10 -4.14 27.49
C ASP B 138 4.32 -3.15 28.64
N ASN B 139 3.42 -2.18 28.75
N ASN B 139 3.41 -2.18 28.77
CA ASN B 139 3.49 -1.13 29.77
CA ASN B 139 3.47 -1.10 29.75
C ASN B 139 4.75 -0.26 29.67
C ASN B 139 4.75 -0.27 29.67
N LYS B 140 5.23 -0.05 28.45
CA LYS B 140 6.42 0.75 28.22
C LYS B 140 6.21 1.76 27.11
N GLN B 141 6.62 3.00 27.37
CA GLN B 141 6.50 4.04 26.36
C GLN B 141 7.66 3.83 25.40
N LEU B 142 7.33 3.53 24.17
CA LEU B 142 8.32 3.20 23.16
C LEU B 142 8.51 4.26 22.10
N ALA B 143 7.66 5.27 22.09
CA ALA B 143 7.83 6.35 21.11
C ALA B 143 7.03 7.58 21.47
N LEU B 144 7.37 8.69 20.82
CA LEU B 144 6.70 9.98 20.99
C LEU B 144 6.00 10.27 19.69
N PRO B 145 4.74 10.67 19.75
CA PRO B 145 4.00 10.89 18.52
C PRO B 145 4.28 12.21 17.83
N ALA B 146 4.47 12.16 16.52
CA ALA B 146 4.75 13.34 15.73
C ALA B 146 3.52 13.73 14.91
N ILE B 147 2.95 12.76 14.21
CA ILE B 147 1.79 12.95 13.35
C ILE B 147 0.68 12.02 13.75
N VAL B 148 -0.54 12.54 13.77
CA VAL B 148 -1.68 11.69 14.08
C VAL B 148 -2.67 11.85 12.94
N GLU B 149 -3.45 10.81 12.68
CA GLU B 149 -4.52 10.98 11.70
C GLU B 149 -5.77 10.18 12.06
N THR B 150 -6.91 10.74 11.69
CA THR B 150 -8.22 10.10 11.87
C THR B 150 -9.10 10.60 10.75
N THR B 151 -10.31 10.04 10.67
CA THR B 151 -11.30 10.57 9.77
C THR B 151 -12.07 11.63 10.55
N ALA B 152 -12.91 12.35 9.81
CA ALA B 152 -13.82 13.38 10.34
C ALA B 152 -14.97 13.40 9.35
N LEU B 153 -15.96 14.28 9.59
N LEU B 153 -15.97 14.27 9.58
CA LEU B 153 -17.15 14.38 8.76
CA LEU B 153 -17.13 14.33 8.71
C LEU B 153 -17.14 15.66 7.93
C LEU B 153 -17.17 15.64 7.93
N PHE B 154 -16.95 15.51 6.62
CA PHE B 154 -17.00 16.63 5.72
C PHE B 154 -18.44 16.73 5.20
N TYR B 155 -18.92 17.94 4.99
CA TYR B 155 -20.23 18.09 4.43
C TYR B 155 -20.23 19.26 3.47
N ASN B 156 -21.10 19.18 2.47
CA ASN B 156 -21.23 20.20 1.45
C ASN B 156 -22.34 21.14 1.90
N LYS B 157 -22.01 22.35 2.29
CA LYS B 157 -23.02 23.25 2.79
C LYS B 157 -24.13 23.58 1.80
N LYS B 158 -23.91 23.45 0.49
CA LYS B 158 -24.99 23.73 -0.45
C LYS B 158 -26.07 22.68 -0.29
N LEU B 159 -25.71 21.48 0.21
CA LEU B 159 -26.68 20.38 0.40
C LEU B 159 -27.07 20.16 1.84
N VAL B 160 -26.13 20.43 2.75
CA VAL B 160 -26.34 20.29 4.19
C VAL B 160 -25.85 21.59 4.84
N LYS B 161 -26.77 22.47 5.23
N LYS B 161 -26.80 22.44 5.25
CA LYS B 161 -26.39 23.74 5.82
CA LYS B 161 -26.50 23.73 5.86
C LYS B 161 -25.71 23.63 7.19
C LYS B 161 -25.72 23.61 7.15
N ASN B 162 -26.20 22.72 8.03
CA ASN B 162 -25.69 22.55 9.38
C ASN B 162 -24.88 21.30 9.69
N ALA B 163 -23.88 21.48 10.55
CA ALA B 163 -23.00 20.40 11.00
C ALA B 163 -23.84 19.37 11.71
N PRO B 164 -23.83 18.13 11.22
CA PRO B 164 -24.59 17.07 11.87
C PRO B 164 -24.04 16.74 13.25
N GLN B 165 -24.91 16.75 14.25
CA GLN B 165 -24.54 16.50 15.62
C GLN B 165 -24.79 15.06 16.07
N THR B 166 -25.75 14.39 15.43
CA THR B 166 -26.07 13.01 15.78
C THR B 166 -26.08 12.15 14.54
N LEU B 167 -25.93 10.86 14.74
CA LEU B 167 -25.99 9.92 13.66
C LEU B 167 -27.40 9.92 13.06
N GLU B 168 -28.39 10.09 13.92
CA GLU B 168 -29.81 10.14 13.47
C GLU B 168 -29.99 11.30 12.46
N GLU B 169 -29.25 12.38 12.70
CA GLU B 169 -29.27 13.56 11.82
C GLU B 169 -28.56 13.25 10.49
N VAL B 170 -27.41 12.56 10.57
CA VAL B 170 -26.70 12.12 9.39
C VAL B 170 -27.65 11.22 8.57
N GLU B 171 -28.32 10.28 9.24
CA GLU B 171 -29.30 9.41 8.58
C GLU B 171 -30.44 10.20 7.93
N ALA B 172 -30.96 11.19 8.64
CA ALA B 172 -32.00 12.05 8.13
C ALA B 172 -31.52 12.75 6.85
N ASN B 173 -30.29 13.22 6.87
CA ASN B 173 -29.73 13.86 5.67
C ASN B 173 -29.56 12.82 4.56
N ALA B 174 -29.18 11.59 4.93
CA ALA B 174 -29.09 10.51 3.93
C ALA B 174 -30.46 10.32 3.23
N ALA B 175 -31.53 10.20 4.02
CA ALA B 175 -32.91 9.98 3.49
C ALA B 175 -33.40 11.07 2.56
N LYS B 176 -33.04 12.31 2.85
CA LYS B 176 -33.53 13.44 2.08
C LYS B 176 -32.80 13.68 0.79
N LEU B 177 -31.48 13.56 0.84
CA LEU B 177 -30.63 13.91 -0.28
C LEU B 177 -30.25 12.77 -1.23
N THR B 178 -30.53 11.53 -0.85
CA THR B 178 -30.14 10.40 -1.71
C THR B 178 -31.11 10.21 -2.87
N ASP B 179 -30.61 10.36 -4.09
CA ASP B 179 -31.40 10.22 -5.32
C ASP B 179 -30.80 9.11 -6.17
N SER B 180 -31.65 8.19 -6.58
CA SER B 180 -31.24 6.97 -7.29
C SER B 180 -30.24 7.09 -8.48
N LYS B 181 -30.74 7.61 -9.60
N LYS B 181 -30.72 7.58 -9.62
CA LYS B 181 -29.96 7.74 -10.85
CA LYS B 181 -29.89 7.70 -10.84
C LYS B 181 -28.95 8.89 -10.83
C LYS B 181 -28.94 8.91 -10.88
N LYS B 182 -29.39 10.06 -10.38
CA LYS B 182 -28.55 11.29 -10.37
C LYS B 182 -27.20 11.20 -9.66
N LYS B 183 -26.84 10.03 -9.15
CA LYS B 183 -25.64 9.87 -8.36
C LYS B 183 -25.61 10.86 -7.19
N GLN B 184 -26.76 11.19 -6.61
CA GLN B 184 -26.75 12.06 -5.44
C GLN B 184 -26.94 11.23 -4.18
N TYR B 185 -26.00 11.37 -3.23
CA TYR B 185 -26.06 10.63 -1.99
C TYR B 185 -25.95 11.58 -0.81
N GLY B 186 -26.79 11.39 0.20
CA GLY B 186 -26.71 12.24 1.39
C GLY B 186 -25.57 11.88 2.33
N MET B 187 -25.16 10.62 2.32
CA MET B 187 -24.16 10.10 3.22
C MET B 187 -23.22 9.11 2.52
N LEU B 188 -21.92 9.30 2.64
CA LEU B 188 -20.96 8.33 2.09
C LEU B 188 -19.78 8.11 2.97
N PHE B 189 -19.32 6.88 2.92
CA PHE B 189 -18.05 6.48 3.48
C PHE B 189 -17.76 5.09 2.88
N ASP B 190 -16.49 4.71 2.82
CA ASP B 190 -16.15 3.40 2.22
C ASP B 190 -16.42 2.30 3.22
N ALA B 191 -17.70 1.93 3.29
CA ALA B 191 -18.21 0.96 4.25
C ALA B 191 -17.73 -0.48 4.07
N LYS B 192 -17.02 -0.78 2.97
CA LYS B 192 -16.48 -2.13 2.76
C LYS B 192 -15.08 -2.24 3.43
N ASN B 193 -14.51 -1.12 3.88
CA ASN B 193 -13.16 -1.11 4.49
C ASN B 193 -13.33 -0.88 5.99
N PHE B 194 -12.82 -1.82 6.78
CA PHE B 194 -12.92 -1.79 8.23
C PHE B 194 -12.33 -0.52 8.80
N TYR B 195 -11.27 -0.02 8.18
CA TYR B 195 -10.69 1.22 8.64
C TYR B 195 -11.73 2.34 8.69
N PHE B 196 -12.58 2.42 7.68
CA PHE B 196 -13.57 3.50 7.59
C PHE B 196 -14.84 3.24 8.34
N ASN B 197 -15.30 1.98 8.33
CA ASN B 197 -16.54 1.65 9.01
C ASN B 197 -16.39 1.40 10.52
N TYR B 198 -15.15 1.29 10.99
CA TYR B 198 -14.89 1.07 12.41
C TYR B 198 -15.77 1.88 13.36
N PRO B 199 -15.74 3.21 13.27
CA PRO B 199 -16.51 4.00 14.22
C PRO B 199 -18.03 3.78 14.16
N PHE B 200 -18.54 3.28 13.04
CA PHE B 200 -19.97 2.98 12.89
C PHE B 200 -20.35 1.60 13.47
N LEU B 201 -19.34 0.78 13.76
CA LEU B 201 -19.58 -0.58 14.24
C LEU B 201 -19.19 -0.80 15.70
N PHE B 202 -18.15 -0.09 16.15
CA PHE B 202 -17.61 -0.23 17.49
C PHE B 202 -17.81 1.00 18.36
N GLY B 203 -18.55 0.80 19.46
CA GLY B 203 -18.81 1.82 20.45
C GLY B 203 -17.76 1.72 21.55
N ASN B 204 -17.90 2.56 22.60
CA ASN B 204 -16.92 2.62 23.70
C ASN B 204 -16.75 1.35 24.51
N ASP B 205 -17.81 0.56 24.63
N ASP B 205 -17.79 0.54 24.65
CA ASP B 205 -17.78 -0.70 25.37
CA ASP B 205 -17.64 -0.72 25.39
C ASP B 205 -17.42 -1.92 24.49
C ASP B 205 -17.51 -1.95 24.47
N ASP B 206 -17.27 -1.71 23.18
CA ASP B 206 -16.96 -2.80 22.24
C ASP B 206 -15.44 -2.84 22.10
N TYR B 207 -14.90 -3.88 21.49
CA TYR B 207 -13.45 -3.98 21.33
C TYR B 207 -13.06 -4.96 20.26
N ILE B 208 -11.81 -4.86 19.82
CA ILE B 208 -11.26 -5.76 18.81
C ILE B 208 -10.62 -6.88 19.58
N PHE B 209 -9.58 -6.55 20.34
CA PHE B 209 -8.95 -7.46 21.29
C PHE B 209 -9.28 -6.92 22.68
N LYS B 210 -9.57 -7.76 23.67
CA LYS B 210 -9.90 -7.24 25.00
C LYS B 210 -8.65 -6.66 25.70
N LYS B 211 -8.79 -5.47 26.29
CA LYS B 211 -7.70 -4.85 27.04
C LYS B 211 -7.81 -5.19 28.52
N ASN B 212 -6.92 -6.05 29.02
CA ASN B 212 -6.89 -6.38 30.47
C ASN B 212 -5.91 -5.40 31.15
N GLY B 213 -6.17 -4.11 30.94
CA GLY B 213 -5.32 -3.02 31.42
C GLY B 213 -4.84 -2.32 30.15
N SER B 214 -3.54 -2.43 29.87
CA SER B 214 -2.95 -1.88 28.64
C SER B 214 -2.65 -3.01 27.65
N GLU B 215 -2.62 -4.23 28.19
CA GLU B 215 -2.33 -5.43 27.43
C GLU B 215 -3.52 -5.96 26.64
N TYR B 216 -3.41 -5.93 25.31
CA TYR B 216 -4.45 -6.53 24.48
C TYR B 216 -4.33 -8.03 24.61
N ASP B 217 -5.44 -8.70 24.87
CA ASP B 217 -5.45 -10.14 24.96
C ASP B 217 -5.80 -10.63 23.54
N ILE B 218 -4.83 -11.25 22.88
CA ILE B 218 -5.00 -11.70 21.49
C ILE B 218 -5.97 -12.86 21.32
N HIS B 219 -6.34 -13.49 22.44
CA HIS B 219 -7.28 -14.61 22.43
C HIS B 219 -8.71 -14.23 22.83
N GLN B 220 -8.97 -12.93 22.99
CA GLN B 220 -10.31 -12.47 23.30
C GLN B 220 -10.72 -11.42 22.29
N LEU B 221 -11.46 -11.88 21.27
CA LEU B 221 -11.92 -11.02 20.18
C LEU B 221 -13.33 -10.52 20.44
N GLY B 222 -13.59 -9.25 20.13
CA GLY B 222 -14.91 -8.66 20.34
C GLY B 222 -15.59 -8.29 19.04
N LEU B 223 -15.05 -8.77 17.94
CA LEU B 223 -15.52 -8.47 16.60
C LEU B 223 -16.94 -8.92 16.34
N ASN B 224 -17.38 -9.97 17.05
CA ASN B 224 -18.72 -10.50 16.86
C ASN B 224 -19.63 -10.34 18.07
N SER B 225 -19.43 -9.27 18.84
N SER B 225 -19.43 -9.27 18.85
CA SER B 225 -20.27 -8.95 20.00
CA SER B 225 -20.26 -9.01 20.02
C SER B 225 -21.70 -8.71 19.57
C SER B 225 -21.68 -8.68 19.58
N LYS B 226 -22.62 -8.83 20.51
CA LYS B 226 -24.01 -8.54 20.20
C LYS B 226 -24.13 -7.10 19.69
N HIS B 227 -23.46 -6.17 20.34
CA HIS B 227 -23.54 -4.77 19.96
C HIS B 227 -22.94 -4.45 18.57
N VAL B 228 -21.84 -5.11 18.21
CA VAL B 228 -21.21 -4.89 16.90
C VAL B 228 -22.12 -5.46 15.84
N VAL B 229 -22.64 -6.65 16.10
CA VAL B 229 -23.58 -7.28 15.19
C VAL B 229 -24.81 -6.35 14.96
N LYS B 230 -25.38 -5.76 16.00
CA LYS B 230 -26.49 -4.82 15.81
C LYS B 230 -26.06 -3.65 14.92
N ASN B 231 -24.91 -3.07 15.22
CA ASN B 231 -24.42 -1.97 14.36
C ASN B 231 -24.20 -2.42 12.93
N ALA B 232 -23.77 -3.67 12.76
CA ALA B 232 -23.53 -4.19 11.42
C ALA B 232 -24.89 -4.39 10.70
N GLU B 233 -25.92 -4.77 11.44
CA GLU B 233 -27.26 -4.89 10.87
C GLU B 233 -27.76 -3.51 10.42
N ARG B 234 -27.39 -2.47 11.17
CA ARG B 234 -27.74 -1.11 10.79
C ARG B 234 -26.98 -0.73 9.52
N LEU B 235 -25.71 -1.09 9.46
CA LEU B 235 -24.91 -0.81 8.28
C LEU B 235 -25.56 -1.42 7.05
N GLN B 236 -25.98 -2.68 7.14
CA GLN B 236 -26.66 -3.35 6.05
C GLN B 236 -27.95 -2.63 5.67
N LYS B 237 -28.64 -2.10 6.69
CA LYS B 237 -29.89 -1.38 6.47
C LYS B 237 -29.61 -0.17 5.60
N TRP B 238 -28.47 0.50 5.83
CA TRP B 238 -28.09 1.63 5.00
C TRP B 238 -27.88 1.20 3.56
N TYR B 239 -27.25 0.05 3.35
CA TYR B 239 -27.14 -0.48 2.01
C TYR B 239 -28.53 -0.77 1.45
N ASP B 240 -29.38 -1.42 2.23
CA ASP B 240 -30.74 -1.79 1.75
C ASP B 240 -31.56 -0.56 1.34
N LYS B 241 -31.41 0.53 2.08
CA LYS B 241 -32.13 1.78 1.79
C LYS B 241 -31.52 2.57 0.63
N GLY B 242 -30.38 2.12 0.12
CA GLY B 242 -29.73 2.78 -0.99
C GLY B 242 -28.85 3.95 -0.59
N TYR B 243 -28.57 4.11 0.71
CA TYR B 243 -27.73 5.24 1.15
C TYR B 243 -26.27 5.02 0.79
N LEU B 244 -25.82 3.77 0.74
CA LEU B 244 -24.44 3.46 0.40
C LEU B 244 -24.43 2.67 -0.90
N PRO B 245 -23.73 3.18 -1.93
CA PRO B 245 -23.70 2.45 -3.19
C PRO B 245 -22.74 1.28 -3.09
N LYS B 246 -23.14 0.15 -3.64
CA LYS B 246 -22.32 -1.06 -3.58
C LYS B 246 -21.14 -1.02 -4.54
N ALA B 247 -21.32 -0.37 -5.68
CA ALA B 247 -20.27 -0.37 -6.72
C ALA B 247 -19.11 0.59 -6.45
N ALA B 248 -19.37 1.64 -5.71
CA ALA B 248 -18.39 2.70 -5.49
C ALA B 248 -17.27 2.33 -4.53
N THR B 249 -16.06 2.68 -4.94
CA THR B 249 -14.87 2.54 -4.15
C THR B 249 -14.61 3.88 -3.50
N HIS B 250 -13.66 3.91 -2.57
CA HIS B 250 -13.33 5.14 -1.89
C HIS B 250 -12.95 6.23 -2.90
N ASP B 251 -12.20 5.89 -3.92
CA ASP B 251 -11.81 6.89 -4.92
C ASP B 251 -13.00 7.44 -5.71
N VAL B 252 -14.02 6.62 -5.94
CA VAL B 252 -15.23 7.07 -6.62
C VAL B 252 -15.97 8.06 -5.71
N MET B 253 -16.01 7.75 -4.41
CA MET B 253 -16.67 8.62 -3.44
C MET B 253 -16.01 10.01 -3.40
N ILE B 254 -14.70 10.03 -3.39
CA ILE B 254 -13.97 11.28 -3.45
C ILE B 254 -14.41 12.10 -4.67
N GLY B 255 -14.46 11.45 -5.82
CA GLY B 255 -14.85 12.11 -7.06
C GLY B 255 -16.26 12.69 -6.98
N LEU B 256 -17.20 11.86 -6.54
CA LEU B 256 -18.59 12.26 -6.38
C LEU B 256 -18.74 13.44 -5.44
N PHE B 257 -17.99 13.42 -4.34
CA PHE B 257 -18.05 14.50 -3.38
C PHE B 257 -17.57 15.80 -4.00
N LYS B 258 -16.48 15.73 -4.76
CA LYS B 258 -15.94 16.91 -5.45
C LYS B 258 -16.89 17.44 -6.50
N GLU B 259 -17.62 16.51 -7.12
N GLU B 259 -17.57 16.54 -7.21
CA GLU B 259 -18.57 16.82 -8.17
CA GLU B 259 -18.55 16.96 -8.22
C GLU B 259 -19.76 17.60 -7.58
C GLU B 259 -19.77 17.64 -7.59
N GLY B 260 -19.90 17.56 -6.27
CA GLY B 260 -20.97 18.24 -5.56
C GLY B 260 -22.25 17.43 -5.46
N LYS B 261 -22.12 16.11 -5.53
CA LYS B 261 -23.27 15.22 -5.47
C LYS B 261 -23.45 14.51 -4.14
N VAL B 262 -22.62 14.84 -3.16
CA VAL B 262 -22.65 14.16 -1.87
C VAL B 262 -22.78 15.15 -0.71
N GLY B 263 -23.76 14.95 0.16
CA GLY B 263 -24.00 15.85 1.29
C GLY B 263 -22.99 15.72 2.41
N GLN B 264 -22.75 14.49 2.83
CA GLN B 264 -21.85 14.15 3.93
C GLN B 264 -20.89 13.04 3.52
N PHE B 265 -19.60 13.25 3.84
CA PHE B 265 -18.55 12.31 3.47
C PHE B 265 -17.55 12.15 4.63
N VAL B 266 -17.48 10.93 5.17
CA VAL B 266 -16.56 10.66 6.25
C VAL B 266 -15.29 10.08 5.66
N THR B 267 -14.19 10.84 5.74
CA THR B 267 -12.92 10.42 5.20
C THR B 267 -11.80 11.12 5.97
N GLY B 268 -10.56 10.82 5.61
CA GLY B 268 -9.39 11.44 6.24
C GLY B 268 -9.15 12.86 5.74
N PRO B 269 -8.08 13.49 6.23
CA PRO B 269 -7.70 14.85 5.89
C PRO B 269 -6.85 15.00 4.61
N TRP B 270 -6.53 13.87 3.99
CA TRP B 270 -5.62 13.84 2.85
C TRP B 270 -5.96 14.80 1.71
N ASN B 271 -7.26 15.01 1.43
CA ASN B 271 -7.63 15.89 0.33
C ASN B 271 -8.22 17.22 0.75
N ILE B 272 -7.93 17.63 1.98
CA ILE B 272 -8.41 18.89 2.52
C ILE B 272 -8.29 20.05 1.52
N ASN B 273 -7.06 20.28 1.09
CA ASN B 273 -6.76 21.39 0.20
C ASN B 273 -7.58 21.40 -1.05
N GLU B 274 -7.74 20.26 -1.70
CA GLU B 274 -8.53 20.24 -2.92
C GLU B 274 -10.04 20.36 -2.63
N TYR B 275 -10.50 19.92 -1.44
CA TYR B 275 -11.90 20.13 -1.08
C TYR B 275 -12.14 21.63 -0.79
N GLN B 276 -11.16 22.27 -0.17
N GLN B 276 -11.19 22.29 -0.14
CA GLN B 276 -11.21 23.71 0.12
CA GLN B 276 -11.34 23.72 0.13
C GLN B 276 -11.14 24.51 -1.18
C GLN B 276 -11.37 24.46 -1.20
N GLU B 277 -10.37 23.99 -2.12
N GLU B 277 -10.39 24.18 -2.06
CA GLU B 277 -10.20 24.63 -3.43
CA GLU B 277 -10.30 24.81 -3.37
C GLU B 277 -11.50 24.58 -4.24
C GLU B 277 -11.59 24.64 -4.19
N THR B 278 -12.17 23.44 -4.17
CA THR B 278 -13.42 23.20 -4.91
C THR B 278 -14.64 23.90 -4.30
N PHE B 279 -14.77 23.86 -2.98
CA PHE B 279 -15.96 24.37 -2.30
C PHE B 279 -15.88 25.70 -1.59
N GLY B 280 -14.69 26.13 -1.20
CA GLY B 280 -14.56 27.42 -0.52
C GLY B 280 -15.35 27.42 0.79
N LYS B 281 -16.11 28.49 1.03
CA LYS B 281 -16.88 28.57 2.27
C LYS B 281 -17.90 27.46 2.41
N ASP B 282 -18.27 26.82 1.30
CA ASP B 282 -19.25 25.75 1.35
C ASP B 282 -18.71 24.43 1.88
N LEU B 283 -17.41 24.34 2.14
CA LEU B 283 -16.86 23.12 2.70
C LEU B 283 -17.08 23.13 4.21
N GLY B 284 -17.86 22.19 4.69
CA GLY B 284 -18.08 22.06 6.11
C GLY B 284 -17.26 20.90 6.63
N VAL B 285 -16.75 21.03 7.85
CA VAL B 285 -16.05 19.94 8.47
C VAL B 285 -16.44 19.90 9.93
N THR B 286 -16.78 18.72 10.44
CA THR B 286 -17.14 18.55 11.83
C THR B 286 -16.64 17.18 12.33
N THR B 287 -16.61 17.03 13.66
CA THR B 287 -16.23 15.78 14.28
C THR B 287 -17.34 14.76 14.04
N LEU B 288 -17.02 13.49 14.22
CA LEU B 288 -18.01 12.46 14.07
C LEU B 288 -19.09 12.69 15.12
N PRO B 289 -20.37 12.49 14.74
CA PRO B 289 -21.45 12.77 15.70
C PRO B 289 -21.59 11.71 16.78
N THR B 290 -22.51 11.97 17.71
CA THR B 290 -22.84 11.03 18.76
C THR B 290 -23.73 9.94 18.16
N ASP B 291 -23.66 8.75 18.73
CA ASP B 291 -24.45 7.61 18.31
C ASP B 291 -25.21 7.13 19.56
N GLY B 292 -26.50 7.48 19.64
CA GLY B 292 -27.28 7.16 20.81
C GLY B 292 -26.70 7.84 22.04
N GLY B 293 -26.29 9.10 21.89
CA GLY B 293 -25.71 9.87 22.99
C GLY B 293 -24.21 9.71 23.24
N LYS B 294 -23.66 8.58 22.81
CA LYS B 294 -22.23 8.28 22.99
C LYS B 294 -21.43 8.72 21.73
N PRO B 295 -20.39 9.53 21.92
CA PRO B 295 -19.66 10.10 20.76
C PRO B 295 -18.86 9.04 20.00
N MET B 296 -18.82 9.16 18.68
CA MET B 296 -18.16 8.17 17.86
C MET B 296 -16.68 8.41 17.83
N LYS B 297 -15.91 7.34 17.93
CA LYS B 297 -14.49 7.44 17.90
C LYS B 297 -13.91 6.66 16.72
N PRO B 298 -13.32 7.39 15.77
CA PRO B 298 -12.68 6.73 14.66
C PRO B 298 -11.33 6.17 15.12
N PHE B 299 -10.72 5.35 14.27
CA PHE B 299 -9.39 4.86 14.53
C PHE B 299 -8.42 6.04 14.57
N LEU B 300 -7.44 5.95 15.47
CA LEU B 300 -6.36 6.92 15.56
C LEU B 300 -5.11 6.24 15.03
N GLY B 301 -4.48 6.86 14.04
CA GLY B 301 -3.21 6.40 13.50
C GLY B 301 -2.20 7.43 13.95
N VAL B 302 -1.03 6.95 14.36
CA VAL B 302 0.05 7.78 14.89
C VAL B 302 1.37 7.36 14.26
N ARG B 303 2.24 8.33 13.99
CA ARG B 303 3.56 8.05 13.44
C ARG B 303 4.51 8.87 14.27
N GLY B 304 5.67 8.30 14.60
CA GLY B 304 6.59 9.00 15.46
C GLY B 304 7.97 8.41 15.69
N TRP B 305 8.67 9.02 16.65
CA TRP B 305 10.06 8.74 16.93
C TRP B 305 10.26 7.63 17.95
N TYR B 306 11.07 6.63 17.56
CA TYR B 306 11.45 5.49 18.41
C TYR B 306 12.92 5.60 18.76
N LEU B 307 13.30 5.01 19.88
CA LEU B 307 14.67 5.02 20.34
C LEU B 307 15.28 3.67 19.99
N SER B 308 16.45 3.68 19.34
CA SER B 308 17.08 2.42 18.99
C SER B 308 17.79 1.80 20.19
N GLU B 309 17.55 0.52 20.43
CA GLU B 309 18.26 -0.22 21.49
C GLU B 309 19.76 -0.19 21.26
N TYR B 310 20.16 -0.04 20.00
CA TYR B 310 21.55 0.02 19.61
C TYR B 310 22.16 1.44 19.67
N SER B 311 21.41 2.40 20.18
CA SER B 311 21.97 3.75 20.35
C SER B 311 22.88 3.75 21.54
N LYS B 312 24.03 4.40 21.42
CA LYS B 312 24.97 4.47 22.53
C LYS B 312 24.88 5.79 23.29
N HIS B 313 23.96 6.66 22.87
CA HIS B 313 23.79 7.95 23.54
C HIS B 313 22.30 8.16 23.78
N LYS B 314 21.70 7.20 24.48
CA LYS B 314 20.27 7.21 24.72
C LYS B 314 19.74 8.48 25.41
N TYR B 315 20.51 9.05 26.33
CA TYR B 315 20.07 10.26 27.02
C TYR B 315 19.89 11.40 26.04
N TRP B 316 20.92 11.67 25.24
CA TRP B 316 20.88 12.75 24.26
C TRP B 316 19.98 12.42 23.07
N ALA B 317 19.85 11.16 22.69
CA ALA B 317 18.92 10.78 21.63
C ALA B 317 17.52 11.21 22.11
N LYS B 318 17.20 10.86 23.35
CA LYS B 318 15.93 11.24 23.94
C LYS B 318 15.79 12.76 23.99
N ASP B 319 16.87 13.44 24.38
CA ASP B 319 16.88 14.91 24.42
C ASP B 319 16.53 15.49 23.04
N LEU B 320 17.16 14.97 21.99
CA LEU B 320 16.85 15.42 20.62
C LEU B 320 15.40 15.10 20.23
N MET B 321 14.93 13.92 20.60
CA MET B 321 13.57 13.51 20.32
C MET B 321 12.55 14.48 20.94
N LEU B 322 12.83 14.93 22.16
CA LEU B 322 11.94 15.88 22.83
C LEU B 322 11.98 17.22 22.11
N TYR B 323 13.16 17.61 21.66
CA TYR B 323 13.31 18.88 20.99
C TYR B 323 12.54 18.94 19.67
N ILE B 324 12.56 17.84 18.93
CA ILE B 324 11.87 17.78 17.64
C ILE B 324 10.39 17.49 17.78
N THR B 325 9.93 17.18 19.00
CA THR B 325 8.51 16.99 19.29
C THR B 325 7.97 18.10 20.21
N SER B 326 8.76 19.17 20.40
CA SER B 326 8.32 20.31 21.20
C SER B 326 7.13 20.99 20.54
N LYS B 327 6.44 21.81 21.30
CA LYS B 327 5.34 22.61 20.80
C LYS B 327 5.85 23.49 19.65
N ASP B 328 6.98 24.14 19.86
CA ASP B 328 7.57 25.01 18.86
C ASP B 328 7.77 24.27 17.55
N THR B 329 8.46 23.13 17.60
CA THR B 329 8.75 22.38 16.39
C THR B 329 7.51 21.89 15.66
N LEU B 330 6.60 21.26 16.40
CA LEU B 330 5.40 20.68 15.80
C LEU B 330 4.38 21.74 15.36
N GLN B 331 4.44 22.93 15.94
CA GLN B 331 3.63 24.03 15.46
C GLN B 331 4.16 24.41 14.08
N LYS B 332 5.47 24.55 13.94
CA LYS B 332 6.04 24.85 12.63
C LYS B 332 5.71 23.73 11.66
N TYR B 333 5.66 22.50 12.18
CA TYR B 333 5.37 21.35 11.37
C TYR B 333 3.96 21.43 10.83
N THR B 334 2.99 21.70 11.68
CA THR B 334 1.61 21.80 11.19
C THR B 334 1.47 22.97 10.22
N ASP B 335 2.12 24.09 10.50
CA ASP B 335 2.01 25.26 9.62
C ASP B 335 2.48 24.92 8.23
N GLU B 336 3.68 24.35 8.17
CA GLU B 336 4.33 24.06 6.91
C GLU B 336 3.82 22.79 6.18
N MET B 337 3.24 21.82 6.89
CA MET B 337 2.80 20.56 6.26
C MET B 337 1.31 20.33 6.20
N SER B 338 0.53 21.08 6.97
CA SER B 338 -0.93 20.88 7.00
C SER B 338 -1.34 19.50 7.48
N GLU B 339 -0.64 19.03 8.51
CA GLU B 339 -0.97 17.76 9.13
C GLU B 339 -1.21 17.99 10.60
N ILE B 340 -1.98 17.10 11.20
CA ILE B 340 -2.28 17.13 12.61
C ILE B 340 -1.10 16.47 13.30
N THR B 341 -0.71 17.01 14.45
CA THR B 341 0.45 16.50 15.17
C THR B 341 0.04 15.79 16.43
N GLY B 342 1.03 15.22 17.11
CA GLY B 342 0.83 14.50 18.36
C GLY B 342 0.75 15.40 19.58
N ARG B 343 0.91 16.73 19.37
CA ARG B 343 0.82 17.71 20.45
C ARG B 343 -0.56 18.40 20.45
N VAL B 344 -1.27 18.32 21.57
CA VAL B 344 -2.60 18.94 21.65
C VAL B 344 -2.50 20.46 21.80
N ASP B 345 -1.33 20.95 22.21
CA ASP B 345 -1.10 22.38 22.36
C ASP B 345 -0.65 23.07 21.06
N VAL B 346 -0.56 22.32 19.97
CA VAL B 346 -0.22 22.87 18.66
C VAL B 346 -1.54 23.21 18.00
N LYS B 347 -1.64 24.39 17.40
CA LYS B 347 -2.87 24.88 16.79
C LYS B 347 -2.70 25.31 15.34
N SER B 348 -3.36 24.62 14.42
CA SER B 348 -3.35 25.03 13.03
C SER B 348 -4.17 26.31 12.89
N SER B 349 -3.80 27.16 11.95
CA SER B 349 -4.60 28.34 11.71
C SER B 349 -5.72 28.04 10.70
N ASN B 350 -5.77 26.80 10.21
CA ASN B 350 -6.82 26.36 9.28
C ASN B 350 -7.94 25.78 10.11
N PRO B 351 -9.10 26.45 10.13
CA PRO B 351 -10.22 25.94 10.94
C PRO B 351 -10.70 24.55 10.55
N ASN B 352 -10.43 24.12 9.33
CA ASN B 352 -10.79 22.76 8.91
C ASN B 352 -9.88 21.74 9.58
N LEU B 353 -8.59 22.07 9.71
CA LEU B 353 -7.68 21.18 10.40
C LEU B 353 -7.90 21.27 11.90
N LYS B 354 -8.42 22.38 12.40
CA LYS B 354 -8.75 22.48 13.82
C LYS B 354 -9.74 21.37 14.21
N VAL B 355 -10.67 21.04 13.31
CA VAL B 355 -11.64 19.98 13.55
C VAL B 355 -10.93 18.61 13.71
N PHE B 356 -9.98 18.31 12.82
CA PHE B 356 -9.23 17.07 12.94
C PHE B 356 -8.39 17.04 14.22
N GLU B 357 -7.91 18.20 14.68
CA GLU B 357 -7.16 18.28 15.93
C GLU B 357 -8.05 17.80 17.05
N LYS B 358 -9.29 18.27 17.03
CA LYS B 358 -10.26 17.87 18.04
C LYS B 358 -10.54 16.38 17.92
N GLN B 359 -10.77 15.91 16.69
CA GLN B 359 -11.11 14.52 16.48
C GLN B 359 -10.01 13.61 16.96
N ALA B 360 -8.78 14.05 16.83
CA ALA B 360 -7.62 13.27 17.27
C ALA B 360 -7.62 13.06 18.77
N ARG B 361 -8.28 13.96 19.50
CA ARG B 361 -8.36 13.84 20.97
C ARG B 361 -9.53 12.94 21.41
N HIS B 362 -10.33 12.46 20.45
CA HIS B 362 -11.49 11.63 20.74
C HIS B 362 -11.50 10.49 19.73
N ALA B 363 -10.46 9.69 19.79
CA ALA B 363 -10.28 8.58 18.89
C ALA B 363 -9.68 7.36 19.58
N GLU B 364 -9.64 6.24 18.88
CA GLU B 364 -9.20 4.98 19.45
C GLU B 364 -8.01 4.41 18.66
N PRO B 365 -6.86 4.26 19.31
CA PRO B 365 -5.71 3.75 18.58
C PRO B 365 -5.95 2.38 17.92
N MET B 366 -5.51 2.23 16.69
CA MET B 366 -5.52 0.94 16.04
C MET B 366 -4.59 0.10 16.93
N PRO B 367 -5.01 -1.10 17.36
CA PRO B 367 -4.15 -1.88 18.24
C PRO B 367 -2.74 -1.99 17.69
N ASN B 368 -1.76 -1.69 18.52
CA ASN B 368 -0.38 -1.64 18.11
C ASN B 368 0.40 -2.95 18.17
N ILE B 369 -0.32 -4.06 18.07
CA ILE B 369 0.27 -5.38 18.20
C ILE B 369 0.31 -6.12 16.86
N PRO B 370 1.27 -7.05 16.69
CA PRO B 370 1.44 -7.76 15.43
C PRO B 370 0.18 -8.51 14.99
N GLU B 371 -0.57 -9.04 15.95
CA GLU B 371 -1.76 -9.81 15.66
C GLU B 371 -2.86 -8.95 15.04
N MET B 372 -2.77 -7.62 15.21
CA MET B 372 -3.75 -6.73 14.58
C MET B 372 -3.69 -6.89 13.07
N ARG B 373 -2.53 -7.28 12.53
CA ARG B 373 -2.38 -7.47 11.08
C ARG B 373 -3.33 -8.51 10.53
N GLN B 374 -3.70 -9.48 11.36
CA GLN B 374 -4.59 -10.56 10.95
C GLN B 374 -6.05 -10.16 10.91
N VAL B 375 -6.37 -9.03 11.52
CA VAL B 375 -7.74 -8.56 11.62
C VAL B 375 -8.27 -7.90 10.33
N TRP B 376 -7.42 -7.15 9.63
CA TRP B 376 -7.89 -6.32 8.52
C TRP B 376 -8.61 -7.01 7.39
N GLU B 377 -8.03 -8.06 6.84
CA GLU B 377 -8.64 -8.67 5.67
C GLU B 377 -9.94 -9.43 5.98
N PRO B 378 -9.96 -10.20 7.07
CA PRO B 378 -11.20 -10.88 7.39
C PRO B 378 -12.34 -9.89 7.71
N MET B 379 -12.04 -8.79 8.40
CA MET B 379 -13.08 -7.79 8.66
C MET B 379 -13.48 -7.08 7.36
N GLY B 380 -12.51 -6.91 6.46
CA GLY B 380 -12.78 -6.32 5.14
C GLY B 380 -13.71 -7.25 4.38
N ASN B 381 -13.42 -8.56 4.43
CA ASN B 381 -14.27 -9.50 3.72
C ASN B 381 -15.67 -9.50 4.33
N ALA B 382 -15.74 -9.48 5.66
CA ALA B 382 -17.04 -9.48 6.33
C ALA B 382 -17.84 -8.29 5.85
N SER B 383 -17.19 -7.13 5.79
CA SER B 383 -17.83 -5.89 5.35
C SER B 383 -18.33 -5.99 3.90
N ILE B 384 -17.52 -6.56 3.02
CA ILE B 384 -17.94 -6.80 1.64
C ILE B 384 -19.19 -7.69 1.65
N PHE B 385 -19.16 -8.77 2.43
CA PHE B 385 -20.31 -9.71 2.48
C PHE B 385 -21.57 -9.02 3.01
N ILE B 386 -21.41 -8.23 4.07
CA ILE B 386 -22.52 -7.47 4.64
C ILE B 386 -23.15 -6.56 3.58
N SER B 387 -22.33 -5.87 2.79
CA SER B 387 -22.82 -5.01 1.73
C SER B 387 -23.56 -5.80 0.66
N ASN B 388 -23.26 -7.08 0.55
CA ASN B 388 -23.86 -7.93 -0.47
C ASN B 388 -25.08 -8.71 0.07
N GLY B 389 -25.48 -8.42 1.31
CA GLY B 389 -26.68 -9.05 1.87
C GLY B 389 -26.50 -10.23 2.79
N LYS B 390 -25.26 -10.64 3.05
CA LYS B 390 -25.01 -11.75 3.97
C LYS B 390 -25.49 -11.41 5.39
N ASN B 391 -26.02 -12.40 6.09
CA ASN B 391 -26.43 -12.22 7.48
C ASN B 391 -25.21 -11.66 8.25
N PRO B 392 -25.34 -10.44 8.80
CA PRO B 392 -24.21 -9.85 9.51
C PRO B 392 -23.66 -10.68 10.68
N LYS B 393 -24.50 -11.38 11.45
CA LYS B 393 -23.97 -12.18 12.56
C LYS B 393 -23.05 -13.28 12.00
N GLN B 394 -23.52 -13.96 10.93
CA GLN B 394 -22.74 -15.01 10.28
C GLN B 394 -21.44 -14.46 9.73
N ALA B 395 -21.50 -13.28 9.11
CA ALA B 395 -20.29 -12.65 8.54
C ALA B 395 -19.25 -12.37 9.59
N LEU B 396 -19.69 -11.79 10.71
CA LEU B 396 -18.78 -11.46 11.78
C LEU B 396 -18.33 -12.71 12.55
N ASP B 397 -19.20 -13.71 12.66
CA ASP B 397 -18.81 -14.97 13.30
C ASP B 397 -17.71 -15.64 12.47
N GLU B 398 -17.84 -15.57 11.16
CA GLU B 398 -16.88 -16.18 10.28
C GLU B 398 -15.56 -15.42 10.27
N ALA B 399 -15.61 -14.10 10.34
CA ALA B 399 -14.40 -13.29 10.38
C ALA B 399 -13.63 -13.60 11.68
N THR B 400 -14.37 -13.69 12.78
CA THR B 400 -13.79 -13.96 14.10
C THR B 400 -13.11 -15.33 14.09
N ASN B 401 -13.79 -16.34 13.55
N ASN B 401 -13.79 -16.35 13.57
CA ASN B 401 -13.23 -17.67 13.45
CA ASN B 401 -13.21 -17.68 13.49
C ASN B 401 -11.95 -17.63 12.62
C ASN B 401 -11.95 -17.65 12.61
N ASP B 402 -12.05 -16.99 11.46
CA ASP B 402 -10.90 -16.86 10.55
C ASP B 402 -9.71 -16.13 11.19
N ILE B 403 -9.98 -15.04 11.90
CA ILE B 403 -8.92 -14.29 12.59
C ILE B 403 -8.27 -15.17 13.63
N THR B 404 -9.09 -15.86 14.41
CA THR B 404 -8.57 -16.76 15.44
C THR B 404 -7.60 -17.78 14.86
N GLN B 405 -8.02 -18.50 13.81
CA GLN B 405 -7.16 -19.53 13.24
C GLN B 405 -5.93 -18.95 12.52
N ASN B 406 -6.05 -17.75 11.95
CA ASN B 406 -4.91 -17.14 11.26
C ASN B 406 -3.85 -16.67 12.26
N ILE B 407 -4.30 -16.16 13.41
CA ILE B 407 -3.37 -15.74 14.45
C ILE B 407 -2.59 -16.95 14.92
N LYS B 408 -3.29 -18.07 15.16
CA LYS B 408 -2.61 -19.30 15.59
C LYS B 408 -1.54 -19.74 14.60
N ILE B 409 -1.83 -19.61 13.31
CA ILE B 409 -0.90 -20.04 12.27
C ILE B 409 0.33 -19.15 12.24
N LEU B 410 0.11 -17.84 12.20
CA LEU B 410 1.23 -16.90 12.13
C LEU B 410 1.85 -16.54 13.49
N HIS B 411 1.18 -16.88 14.59
CA HIS B 411 1.71 -16.58 15.94
C HIS B 411 1.39 -17.69 16.91
N PRO B 412 2.05 -18.83 16.76
CA PRO B 412 1.79 -19.96 17.67
C PRO B 412 1.81 -19.57 19.16
C1 GLC C . 2.34 -7.55 -4.90
C2 GLC C . 2.85 -6.79 -6.14
C3 GLC C . 1.95 -5.64 -6.61
C4 GLC C . 0.47 -5.98 -6.45
C5 GLC C . 0.22 -6.47 -5.04
C6 GLC C . -1.26 -6.67 -4.72
O1 GLC C . 2.77 -6.88 -3.70
O2 GLC C . 4.13 -6.23 -5.83
O3 GLC C . 2.24 -5.34 -7.98
O4 GLC C . -0.31 -4.81 -6.69
O5 GLC C . 0.92 -7.71 -4.89
O6 GLC C . -1.39 -7.41 -3.50
C1 GLC C . -1.14 -4.85 -7.85
C2 GLC C . -0.94 -3.59 -8.68
C3 GLC C . -1.48 -2.34 -7.99
C4 GLC C . -2.87 -2.56 -7.40
C5 GLC C . -2.91 -3.86 -6.59
C6 GLC C . -4.30 -4.17 -6.03
O2 GLC C . 0.46 -3.40 -8.96
O3 GLC C . -1.50 -1.27 -8.94
O4 GLC C . -3.24 -1.44 -6.59
O5 GLC C . -2.49 -4.94 -7.42
O6 GLC C . -4.78 -3.07 -5.26
C1 GLC D . -5.77 5.31 4.78
C2 GLC D . -4.94 5.28 6.08
C3 GLC D . -4.42 3.89 6.42
C4 GLC D . -5.47 2.80 6.20
C5 GLC D . -6.15 2.97 4.84
C6 GLC D . -7.24 1.94 4.56
O1 GLC D . -4.88 5.23 3.64
O2 GLC D . -3.84 6.19 5.92
O3 GLC D . -3.96 3.88 7.77
O4 GLC D . -4.84 1.52 6.29
O5 GLC D . -6.74 4.26 4.75
O6 GLC D . -6.71 0.62 4.57
C1 GLC D . -5.40 0.62 7.27
C2 GLC D . -4.29 0.13 8.22
C3 GLC D . -3.34 -0.82 7.49
C4 GLC D . -4.14 -2.00 6.97
C5 GLC D . -5.27 -1.53 6.05
C6 GLC D . -6.19 -2.74 5.76
O2 GLC D . -3.56 1.23 8.77
O3 GLC D . -2.32 -1.28 8.37
O4 GLC D . -3.28 -2.90 6.28
O5 GLC D . -6.06 -0.46 6.60
O6 GLC D . -6.49 -2.86 4.37
CL CL E . -3.40 -28.58 -18.23
CL CL F . 16.97 2.22 -36.06
K K G . -3.11 -12.10 7.69
K K H . -11.62 2.96 -8.13
K K I . 5.78 -14.94 -1.00
S SO4 J . 24.49 -2.56 -23.54
O1 SO4 J . 25.59 -1.72 -23.99
O2 SO4 J . 23.37 -1.70 -23.18
O3 SO4 J . 24.07 -3.43 -24.63
O4 SO4 J . 24.96 -3.30 -22.38
S SO4 K . -11.39 -22.79 5.27
O1 SO4 K . -12.13 -21.57 5.60
O2 SO4 K . -11.90 -23.89 6.10
O3 SO4 K . -11.62 -23.12 3.87
O4 SO4 K . -9.98 -22.56 5.60
S SO4 L . 12.92 -18.39 -23.06
O1 SO4 L . 12.27 -17.11 -22.77
O2 SO4 L . 11.95 -19.48 -22.92
O3 SO4 L . 13.43 -18.36 -24.43
O4 SO4 L . 14.02 -18.56 -22.13
S SO4 M . -9.58 -24.19 -22.83
O1 SO4 M . -8.77 -22.98 -22.72
O2 SO4 M . -10.07 -24.51 -21.49
O3 SO4 M . -10.71 -23.96 -23.73
O4 SO4 M . -8.76 -25.29 -23.30
S SO4 N . -17.42 -13.65 -25.35
O1 SO4 N . -17.12 -12.26 -25.71
O2 SO4 N . -18.02 -13.69 -24.02
O3 SO4 N . -18.35 -14.23 -26.31
O4 SO4 N . -16.17 -14.41 -25.37
S SO4 O . -26.21 -20.59 -8.79
O1 SO4 O . -26.93 -19.37 -8.44
O2 SO4 O . -27.15 -21.72 -8.78
O3 SO4 O . -25.63 -20.47 -10.13
O4 SO4 O . -25.14 -20.81 -7.83
S SO4 P . 0.15 -6.61 -1.65
O1 SO4 P . 1.46 -6.00 -1.52
O2 SO4 P . -0.53 -6.61 -0.36
O3 SO4 P . -0.64 -5.83 -2.61
O4 SO4 P . 0.30 -7.99 -2.13
CL CL Q . -27.98 9.31 17.28
K K R . -10.38 11.86 1.01
S SO4 S . 7.57 21.92 25.04
O1 SO4 S . 8.77 22.75 25.21
O2 SO4 S . 6.52 22.33 25.96
O3 SO4 S . 7.13 22.09 23.67
O4 SO4 S . 7.90 20.51 25.29
S SO4 T . -21.71 -10.18 23.91
O1 SO4 T . -20.65 -9.95 24.88
O2 SO4 T . -22.87 -10.79 24.54
O3 SO4 T . -22.13 -8.91 23.32
O4 SO4 T . -21.21 -11.07 22.86
S SO4 U . -11.63 18.92 23.27
O1 SO4 U . -11.22 19.98 22.35
O2 SO4 U . -11.41 19.28 24.66
O3 SO4 U . -13.07 18.66 23.11
O4 SO4 U . -10.84 17.73 22.99
S SO4 V . -19.77 21.49 15.50
O1 SO4 V . -20.75 22.55 15.21
O2 SO4 V . -20.45 20.26 15.90
O3 SO4 V . -18.97 21.29 14.29
O4 SO4 V . -18.90 21.92 16.61
S SO4 W . -24.93 0.44 -6.66
O1 SO4 W . -23.73 1.28 -6.69
O2 SO4 W . -25.58 0.42 -5.34
O3 SO4 W . -25.87 0.97 -7.64
O4 SO4 W . -24.55 -0.91 -7.04
S SO4 X . -36.38 1.59 9.55
O1 SO4 X . -36.61 2.26 8.27
O2 SO4 X . -37.48 1.92 10.45
O3 SO4 X . -36.30 0.15 9.32
O4 SO4 X . -35.12 2.06 10.13
S SO4 Y . 30.72 10.48 18.63
O1 SO4 Y . 31.95 10.89 17.97
O2 SO4 Y . 30.71 10.97 20.00
O3 SO4 Y . 29.57 11.02 17.90
O4 SO4 Y . 30.65 9.02 18.63
#